data_1HRV
#
_entry.id   1HRV
#
_cell.length_a   445.100
_cell.length_b   445.100
_cell.length_c   445.100
_cell.angle_alpha   90.00
_cell.angle_beta   90.00
_cell.angle_gamma   90.00
#
_symmetry.space_group_name_H-M   'P 21 3'
#
loop_
_entity.id
_entity.type
_entity.pdbx_description
1 polymer 'HUMAN RHINOVIRUS 14 COAT PROTEIN (SUBUNIT VP1)'
2 polymer 'HUMAN RHINOVIRUS 14 COAT PROTEIN (SUBUNIT VP2)'
3 polymer 'HUMAN RHINOVIRUS 14 COAT PROTEIN (SUBUNIT VP3)'
4 polymer 'HUMAN RHINOVIRUS 14 COAT PROTEIN (SUBUNIT VP4)'
5 non-polymer 1-[2-HYDROXY-3-(4-CYCLOHEXYL-PHENOXY)-PROPYL]-4-(2-PYRIDYL)-PIPERAZINE
#
loop_
_entity_poly.entity_id
_entity_poly.type
_entity_poly.pdbx_seq_one_letter_code
_entity_poly.pdbx_strand_id
1 'polypeptide(L)'
;GLGDELEEVIVEKTKQTVASISSGPKHTQKVPILTANETGATMPVLPSDSIETRTTYMHFNGSETDVECFLGRAACVHVT
EIQNKDATGIDNHREAKLFNDWKINLSSLVQLRKKLELFTYVRFDSEYTILATASQPDSANYSSNLVVQAMYVPPGAPNP
KEWDDYTWQSASNPSVFFKVGDTSRFSVPYVGLASAYNCFYDGYSHDDAETQYGITVLNHMGSMAFRIVNEHDEHKTLVK
IRVYHRAKHVEAWIPRAPRALPYTSIGRTNYPKNTEPVIKKRKGDIKSY
;
1
2 'polypeptide(L)'
;SPNVEACGYSDRVQQITLGNSTITTQEAANAVVCYAEWPEYLPDVDASDVNKTSKPDTSVCRFYTLDSKTWTTGSKGWCW
KLPDALKDMGVFGQNMFFHSLGRSGYTVHVQCNATKFHSGCLLVVVIPEHQLASHEGGNVSVKYTFTHPGERGIDLSSAN
EVGGPVKDVLYNMNGTLLGNLLIFPHQFINLRTNNTATIVIPYINSVPIDSMTRHNNVSLMVIPIAPLTVPTGATPSLPI
TVTIAPMCTEFSGIRSKSIVPQ
;
2
3 'polypeptide(L)'
;GLPTTTLPGSGQFLTTDDRQSPSALPNYEPTPRIHIPGKVHNLLEIIQVDTLIPMNNTHTKDEVNSYLIPLNANRQNEQV
FGTNLFIGDGVFKTTLLGEIVQYYTHWSGSLRFSLMYTGPALSSAKLILAYTPPGARGPQDRREAMLGTHVVWDIGLQST
IVMTIPWTSGVQFRYTDPDTYTSAGFLSCWYQTSLILPPETTGQVYLLSFISACPDFKLRLMKDTQTISQTVALTE
;
3
4 'polypeptide(L)' GAQVSTQKSGSHENQNILTNGSNQTFTVINYYKDAASTSSAGQSLSMDPSKFTEPVKDLMLKGAPALN 4
#
# COMPACT_ATOMS: atom_id res chain seq x y z
N THR A 17 21.19 21.28 -8.57
CA THR A 17 20.69 20.88 -7.25
C THR A 17 21.59 20.34 -6.13
N VAL A 18 21.50 20.93 -4.91
CA VAL A 18 22.52 20.34 -3.98
C VAL A 18 21.91 19.14 -3.29
N ALA A 19 22.71 18.09 -3.17
CA ALA A 19 22.33 16.89 -2.45
C ALA A 19 22.68 17.05 -0.97
N SER A 20 23.70 17.82 -0.74
CA SER A 20 24.09 18.07 0.69
C SER A 20 24.71 19.46 0.67
N ILE A 21 24.44 20.25 1.70
CA ILE A 21 25.10 21.53 1.78
C ILE A 21 26.31 21.36 2.76
N SER A 22 27.08 22.41 2.82
CA SER A 22 28.25 22.33 3.72
C SER A 22 27.81 22.61 5.11
N SER A 23 28.10 21.95 6.12
CA SER A 23 27.55 22.43 7.48
C SER A 23 28.61 22.18 8.48
N GLY A 24 28.78 22.92 9.53
CA GLY A 24 29.96 22.72 10.48
C GLY A 24 29.48 22.42 11.84
N PRO A 25 30.29 22.63 12.86
CA PRO A 25 29.97 22.27 14.26
C PRO A 25 28.68 22.98 14.65
N LYS A 26 27.89 22.59 15.53
CA LYS A 26 26.62 23.09 16.06
C LYS A 26 26.62 23.06 17.59
N HIS A 27 26.14 23.98 18.34
CA HIS A 27 26.04 23.84 19.85
C HIS A 27 24.76 24.65 20.12
N THR A 28 23.61 24.22 19.80
CA THR A 28 22.41 24.88 19.89
C THR A 28 21.36 24.34 20.87
N GLN A 29 20.32 25.13 20.89
CA GLN A 29 19.14 25.02 21.71
C GLN A 29 18.07 24.58 20.69
N LYS A 30 18.51 24.43 19.48
CA LYS A 30 17.57 24.10 18.36
C LYS A 30 17.93 22.71 17.86
N VAL A 31 17.28 21.67 18.32
CA VAL A 31 17.66 20.28 18.01
C VAL A 31 16.78 19.66 16.99
N PRO A 32 17.10 19.63 15.72
CA PRO A 32 16.25 19.05 14.69
C PRO A 32 16.14 17.54 14.77
N ILE A 33 16.96 16.84 15.52
CA ILE A 33 16.90 15.39 15.50
C ILE A 33 16.01 14.86 16.60
N LEU A 34 15.43 15.61 17.47
CA LEU A 34 14.53 15.04 18.51
C LEU A 34 13.11 15.22 18.01
N THR A 35 12.34 14.23 17.81
CA THR A 35 10.95 14.49 17.35
C THR A 35 9.97 13.70 18.10
N ALA A 36 8.70 13.64 17.79
CA ALA A 36 7.67 12.81 18.44
C ALA A 36 6.97 12.00 17.37
N ASN A 37 7.31 10.80 17.01
CA ASN A 37 6.75 10.03 15.93
C ASN A 37 5.30 9.71 16.16
N GLU A 38 4.82 10.01 17.37
CA GLU A 38 3.45 9.66 17.65
C GLU A 38 2.51 10.50 16.82
N THR A 39 3.02 11.58 16.25
CA THR A 39 2.24 12.58 15.52
C THR A 39 1.85 12.08 14.16
N GLY A 40 2.59 11.13 13.61
CA GLY A 40 2.26 10.57 12.32
C GLY A 40 3.12 11.25 11.29
N ALA A 41 3.98 12.15 11.62
CA ALA A 41 4.79 12.79 10.53
C ALA A 41 6.10 12.10 10.33
N THR A 42 6.77 12.16 9.20
CA THR A 42 8.20 11.77 9.08
C THR A 42 8.94 13.09 8.85
N MET A 43 9.47 13.62 9.91
CA MET A 43 10.25 14.88 9.83
C MET A 43 11.41 14.75 8.89
N PRO A 44 11.57 15.72 8.02
CA PRO A 44 12.61 15.72 6.97
C PRO A 44 14.02 15.97 7.41
N VAL A 45 14.57 15.08 8.19
CA VAL A 45 15.95 15.22 8.72
C VAL A 45 16.94 14.79 7.66
N LEU A 46 18.06 15.50 7.63
CA LEU A 46 19.18 15.30 6.68
C LEU A 46 20.52 15.07 7.36
N PRO A 47 21.46 14.48 6.61
CA PRO A 47 22.81 14.25 7.15
C PRO A 47 23.34 15.48 7.80
N SER A 48 23.08 16.63 7.20
CA SER A 48 23.68 17.88 7.72
C SER A 48 22.95 18.30 8.96
N ASP A 49 22.23 17.54 9.67
CA ASP A 49 21.53 18.07 10.88
C ASP A 49 22.26 17.47 12.07
N SER A 50 23.04 16.45 11.69
CA SER A 50 23.71 15.71 12.75
C SER A 50 25.13 15.40 12.46
N ILE A 51 25.77 15.59 11.37
CA ILE A 51 27.22 15.49 11.20
C ILE A 51 27.68 16.75 10.46
N GLU A 52 28.95 16.99 10.31
CA GLU A 52 29.45 18.16 9.52
C GLU A 52 29.54 17.71 8.08
N THR A 53 28.92 18.28 7.09
CA THR A 53 28.92 17.87 5.68
C THR A 53 29.64 18.88 4.82
N ARG A 54 29.84 18.50 3.58
CA ARG A 54 30.54 19.30 2.53
C ARG A 54 29.53 19.44 1.40
N THR A 55 29.61 20.38 0.54
CA THR A 55 28.64 20.40 -0.58
C THR A 55 28.86 19.30 -1.57
N THR A 56 27.75 18.77 -2.05
CA THR A 56 27.71 17.77 -3.13
C THR A 56 26.41 18.03 -3.90
N TYR A 57 26.45 17.74 -5.20
CA TYR A 57 25.22 17.89 -6.04
C TYR A 57 24.60 16.58 -6.36
N MET A 58 23.33 16.66 -6.72
CA MET A 58 22.52 15.43 -6.96
C MET A 58 22.88 14.82 -8.26
N HIS A 59 23.04 15.57 -9.31
CA HIS A 59 23.32 14.87 -10.60
C HIS A 59 22.21 13.87 -10.89
N PHE A 60 20.99 14.01 -10.52
CA PHE A 60 19.97 12.93 -10.79
C PHE A 60 18.60 13.47 -10.73
N ASN A 61 17.57 13.06 -11.41
CA ASN A 61 16.27 13.61 -11.38
C ASN A 61 15.23 12.71 -10.86
N GLY A 62 15.43 11.44 -10.82
CA GLY A 62 14.34 10.56 -10.30
C GLY A 62 13.37 10.27 -11.43
N SER A 63 13.79 10.28 -12.65
CA SER A 63 13.09 9.98 -13.84
C SER A 63 12.43 8.59 -13.92
N GLU A 64 13.21 7.60 -13.46
CA GLU A 64 12.88 6.15 -13.69
C GLU A 64 12.08 5.53 -12.58
N THR A 65 11.59 6.39 -11.71
CA THR A 65 10.79 6.02 -10.56
C THR A 65 9.44 6.76 -10.72
N ASP A 66 9.30 7.46 -11.82
CA ASP A 66 7.99 8.09 -12.09
C ASP A 66 6.96 7.00 -12.20
N VAL A 67 5.75 7.10 -11.74
CA VAL A 67 4.81 5.97 -11.88
C VAL A 67 4.58 5.69 -13.35
N GLU A 68 4.77 6.65 -14.24
CA GLU A 68 4.45 6.28 -15.66
C GLU A 68 5.48 5.27 -16.07
N CYS A 69 6.67 5.40 -15.59
CA CYS A 69 7.78 4.54 -15.99
C CYS A 69 7.63 3.19 -15.32
N PHE A 70 7.24 3.25 -14.06
CA PHE A 70 7.13 2.03 -13.22
C PHE A 70 6.09 1.08 -13.81
N LEU A 71 4.94 1.58 -14.27
CA LEU A 71 3.90 0.71 -14.77
C LEU A 71 3.93 0.70 -16.30
N GLY A 72 4.85 1.44 -16.87
CA GLY A 72 4.82 1.56 -18.34
C GLY A 72 5.56 0.58 -19.14
N ARG A 73 5.93 -0.59 -18.74
CA ARG A 73 6.64 -1.56 -19.69
C ARG A 73 5.69 -2.71 -19.86
N ALA A 74 5.72 -3.41 -20.94
CA ALA A 74 4.84 -4.58 -21.16
C ALA A 74 5.07 -5.68 -20.16
N ALA A 75 4.10 -6.28 -19.55
CA ALA A 75 4.21 -7.43 -18.63
C ALA A 75 3.35 -8.54 -19.19
N CYS A 76 3.73 -9.79 -19.02
CA CYS A 76 2.85 -10.91 -19.55
C CYS A 76 1.64 -10.99 -18.64
N VAL A 77 0.49 -10.93 -19.17
CA VAL A 77 -0.69 -10.94 -18.27
C VAL A 77 -1.46 -12.21 -18.49
N HIS A 78 -1.18 -13.03 -19.47
CA HIS A 78 -2.08 -14.19 -19.75
C HIS A 78 -1.48 -15.12 -20.77
N VAL A 79 -1.54 -16.42 -20.49
CA VAL A 79 -1.09 -17.36 -21.54
C VAL A 79 -2.24 -18.32 -21.78
N THR A 80 -2.75 -18.48 -22.91
CA THR A 80 -3.87 -19.41 -23.18
C THR A 80 -3.43 -20.28 -24.32
N GLU A 81 -4.30 -21.17 -24.76
CA GLU A 81 -3.96 -22.02 -25.93
C GLU A 81 -5.25 -22.55 -26.61
N ILE A 82 -5.14 -22.61 -27.90
CA ILE A 82 -6.18 -23.07 -28.82
C ILE A 82 -5.55 -24.04 -29.80
N GLN A 83 -6.31 -24.95 -30.42
CA GLN A 83 -5.70 -25.80 -31.47
C GLN A 83 -6.51 -25.81 -32.78
N ASN A 84 -5.78 -26.12 -33.83
CA ASN A 84 -6.45 -26.20 -35.16
C ASN A 84 -6.55 -27.71 -35.35
N LYS A 85 -7.74 -28.18 -35.47
CA LYS A 85 -7.90 -29.67 -35.70
C LYS A 85 -9.26 -29.88 -36.31
N ASP A 86 -9.55 -31.04 -36.84
CA ASP A 86 -10.87 -31.31 -37.44
C ASP A 86 -11.99 -31.28 -36.38
N ALA A 87 -12.97 -30.36 -36.58
CA ALA A 87 -13.98 -30.21 -35.52
C ALA A 87 -15.10 -31.23 -35.73
N THR A 88 -14.92 -31.93 -36.82
CA THR A 88 -15.90 -32.98 -37.13
C THR A 88 -16.09 -33.91 -35.93
N GLY A 89 -17.41 -33.96 -35.57
CA GLY A 89 -17.85 -34.69 -34.36
C GLY A 89 -17.44 -34.10 -33.03
N ILE A 90 -17.20 -32.75 -32.98
CA ILE A 90 -16.75 -32.26 -31.61
C ILE A 90 -18.02 -31.65 -31.06
N ASP A 91 -18.32 -32.11 -29.84
CA ASP A 91 -19.68 -31.53 -29.39
C ASP A 91 -19.49 -30.26 -28.69
N ASN A 92 -18.23 -29.88 -28.43
CA ASN A 92 -18.04 -28.67 -27.56
C ASN A 92 -16.69 -28.04 -27.91
N HIS A 93 -16.82 -27.11 -28.86
CA HIS A 93 -15.62 -26.52 -29.44
C HIS A 93 -14.79 -25.88 -28.33
N ARG A 94 -15.59 -25.27 -27.47
CA ARG A 94 -14.92 -24.46 -26.40
C ARG A 94 -14.08 -25.42 -25.62
N GLU A 95 -14.72 -26.56 -25.35
CA GLU A 95 -14.02 -27.57 -24.61
C GLU A 95 -12.88 -28.23 -25.33
N ALA A 96 -12.81 -28.26 -26.63
CA ALA A 96 -11.71 -28.89 -27.40
C ALA A 96 -10.58 -27.88 -27.64
N LYS A 97 -10.70 -26.68 -27.03
CA LYS A 97 -9.83 -25.57 -27.31
C LYS A 97 -9.86 -25.29 -28.85
N LEU A 98 -11.03 -25.44 -29.41
CA LEU A 98 -11.16 -25.09 -30.85
C LEU A 98 -11.10 -23.52 -30.90
N PHE A 99 -11.51 -22.92 -29.85
CA PHE A 99 -11.45 -21.47 -29.69
C PHE A 99 -11.40 -21.23 -28.18
N ASN A 100 -11.11 -20.13 -27.72
CA ASN A 100 -10.96 -19.93 -26.26
C ASN A 100 -11.23 -18.46 -25.93
N ASP A 101 -11.49 -18.24 -24.66
CA ASP A 101 -11.73 -16.89 -24.16
C ASP A 101 -10.99 -16.67 -22.88
N TRP A 102 -10.97 -15.42 -22.50
CA TRP A 102 -10.26 -15.02 -21.33
C TRP A 102 -11.14 -14.01 -20.64
N LYS A 103 -11.61 -14.38 -19.46
CA LYS A 103 -12.39 -13.46 -18.63
C LYS A 103 -11.37 -12.44 -18.14
N ILE A 104 -11.08 -11.56 -19.09
CA ILE A 104 -10.05 -10.51 -18.99
C ILE A 104 -9.83 -10.05 -17.55
N ASN A 105 -8.57 -10.12 -17.14
CA ASN A 105 -8.11 -9.58 -15.86
C ASN A 105 -6.65 -9.24 -15.98
N LEU A 106 -6.16 -8.59 -14.96
CA LEU A 106 -4.79 -8.14 -14.88
C LEU A 106 -4.19 -8.63 -13.54
N SER A 107 -4.97 -9.49 -12.88
CA SER A 107 -4.51 -10.02 -11.58
C SER A 107 -4.40 -11.56 -11.55
N SER A 108 -4.07 -12.21 -12.71
CA SER A 108 -3.90 -13.66 -12.84
C SER A 108 -2.46 -14.04 -12.48
N LEU A 109 -1.54 -13.43 -13.27
CA LEU A 109 -0.05 -13.52 -13.11
C LEU A 109 0.29 -12.43 -12.11
N VAL A 110 1.28 -12.69 -11.30
CA VAL A 110 1.55 -11.82 -10.16
C VAL A 110 2.73 -10.85 -10.29
N GLN A 111 3.60 -10.94 -11.21
CA GLN A 111 4.65 -9.95 -11.20
C GLN A 111 3.97 -8.58 -11.33
N LEU A 112 3.25 -8.33 -12.42
CA LEU A 112 2.54 -7.06 -12.57
C LEU A 112 1.58 -6.83 -11.43
N ARG A 113 0.88 -7.82 -10.93
CA ARG A 113 -0.14 -7.58 -9.87
C ARG A 113 0.44 -6.93 -8.66
N LYS A 114 1.55 -7.39 -8.13
CA LYS A 114 2.12 -6.78 -6.92
C LYS A 114 2.42 -5.32 -7.18
N LYS A 115 2.94 -4.98 -8.36
CA LYS A 115 3.26 -3.62 -8.79
C LYS A 115 2.01 -2.76 -8.75
N LEU A 116 0.90 -3.18 -9.36
CA LEU A 116 -0.28 -2.36 -9.36
C LEU A 116 -0.86 -2.18 -7.96
N GLU A 117 -0.70 -3.20 -7.13
CA GLU A 117 -1.47 -3.13 -5.82
C GLU A 117 -0.71 -2.36 -4.79
N LEU A 118 0.26 -1.61 -5.24
CA LEU A 118 1.04 -0.66 -4.39
C LEU A 118 0.18 0.62 -4.23
N PHE A 119 -0.86 0.79 -5.03
CA PHE A 119 -1.82 1.83 -5.16
C PHE A 119 -3.25 1.30 -4.96
N THR A 120 -4.19 2.13 -4.54
CA THR A 120 -5.56 1.74 -4.36
C THR A 120 -6.41 1.91 -5.59
N TYR A 121 -6.33 3.03 -6.29
CA TYR A 121 -7.07 3.34 -7.53
C TYR A 121 -6.01 3.64 -8.61
N VAL A 122 -6.28 3.25 -9.79
CA VAL A 122 -5.18 3.41 -10.88
C VAL A 122 -5.95 3.76 -12.09
N ARG A 123 -5.48 4.59 -12.96
CA ARG A 123 -6.20 4.96 -14.21
C ARG A 123 -5.14 5.03 -15.30
N PHE A 124 -5.39 4.38 -16.42
CA PHE A 124 -4.41 4.37 -17.53
C PHE A 124 -5.00 3.77 -18.82
N ASP A 125 -4.29 4.07 -19.92
CA ASP A 125 -4.58 3.49 -21.24
C ASP A 125 -3.74 2.25 -21.35
N SER A 126 -4.20 1.28 -22.07
CA SER A 126 -3.44 0.05 -22.19
C SER A 126 -2.98 -0.15 -23.61
N GLU A 127 -1.81 -0.69 -23.71
CA GLU A 127 -1.28 -1.07 -25.01
C GLU A 127 -1.01 -2.56 -24.91
N TYR A 128 -1.70 -3.32 -25.73
CA TYR A 128 -1.57 -4.78 -25.72
C TYR A 128 -0.67 -5.26 -26.86
N THR A 129 0.14 -6.24 -26.55
CA THR A 129 0.96 -6.94 -27.57
C THR A 129 0.60 -8.42 -27.39
N ILE A 130 0.17 -9.08 -28.47
CA ILE A 130 -0.22 -10.52 -28.40
C ILE A 130 0.71 -11.36 -29.29
N LEU A 131 1.49 -12.22 -28.66
CA LEU A 131 2.44 -13.10 -29.38
C LEU A 131 1.77 -14.47 -29.49
N ALA A 132 1.78 -15.14 -30.58
CA ALA A 132 1.19 -16.46 -30.82
C ALA A 132 2.22 -17.38 -31.39
N THR A 133 2.57 -18.47 -30.84
CA THR A 133 3.63 -19.35 -31.52
C THR A 133 3.02 -20.68 -31.73
N ALA A 134 3.47 -21.47 -32.71
CA ALA A 134 2.77 -22.79 -32.90
C ALA A 134 3.73 -23.89 -32.52
N SER A 135 3.18 -24.98 -32.11
CA SER A 135 3.81 -26.21 -31.71
C SER A 135 3.13 -27.37 -32.48
N GLN A 136 3.94 -28.32 -32.81
CA GLN A 136 3.38 -29.53 -33.53
C GLN A 136 3.97 -30.75 -32.86
N PRO A 137 3.49 -31.03 -31.65
CA PRO A 137 4.04 -32.12 -30.87
C PRO A 137 3.93 -33.43 -31.56
N ASP A 138 3.12 -33.69 -32.55
CA ASP A 138 3.23 -35.10 -33.05
C ASP A 138 3.25 -35.15 -34.55
N SER A 139 4.31 -35.70 -35.07
CA SER A 139 4.44 -35.96 -36.48
C SER A 139 3.64 -35.15 -37.44
N ALA A 140 4.29 -34.18 -38.08
CA ALA A 140 3.57 -33.39 -39.14
C ALA A 140 4.52 -33.29 -40.32
N ASN A 141 4.01 -33.16 -41.51
CA ASN A 141 4.92 -33.06 -42.66
C ASN A 141 5.58 -31.69 -42.72
N TYR A 142 4.79 -30.78 -42.15
CA TYR A 142 5.12 -29.39 -42.16
C TYR A 142 4.42 -28.60 -41.09
N SER A 143 4.83 -27.32 -41.11
CA SER A 143 4.29 -26.27 -40.20
C SER A 143 3.26 -25.47 -40.91
N SER A 144 2.03 -25.46 -40.51
CA SER A 144 1.06 -24.72 -41.52
C SER A 144 1.07 -23.27 -41.28
N ASN A 145 0.50 -22.38 -42.10
CA ASN A 145 0.46 -20.98 -41.62
C ASN A 145 -0.97 -20.54 -41.41
N LEU A 146 -1.18 -20.44 -40.10
CA LEU A 146 -2.39 -20.11 -39.42
C LEU A 146 -2.50 -18.60 -39.16
N VAL A 147 -3.69 -18.11 -39.25
CA VAL A 147 -4.04 -16.74 -38.92
C VAL A 147 -4.88 -16.79 -37.67
N VAL A 148 -4.57 -16.13 -36.58
CA VAL A 148 -5.40 -16.09 -35.37
C VAL A 148 -6.52 -14.96 -35.46
N GLN A 149 -7.75 -15.23 -34.92
CA GLN A 149 -8.84 -14.18 -34.81
C GLN A 149 -9.21 -13.97 -33.32
N ALA A 150 -9.03 -12.74 -32.86
CA ALA A 150 -9.33 -12.38 -31.45
C ALA A 150 -10.44 -11.34 -31.43
N MET A 151 -11.48 -11.67 -30.69
CA MET A 151 -12.71 -10.85 -30.62
C MET A 151 -13.01 -10.47 -29.16
N TYR A 152 -13.55 -9.27 -29.00
CA TYR A 152 -13.93 -8.74 -27.67
C TYR A 152 -15.45 -8.85 -27.51
N VAL A 153 -15.85 -9.77 -26.67
CA VAL A 153 -17.28 -10.04 -26.42
C VAL A 153 -17.70 -9.39 -25.10
N PRO A 154 -18.07 -8.10 -25.15
CA PRO A 154 -18.42 -7.33 -23.98
C PRO A 154 -19.57 -7.94 -23.24
N PRO A 155 -19.89 -7.43 -22.04
CA PRO A 155 -20.99 -7.96 -21.23
C PRO A 155 -22.34 -7.70 -21.86
N GLY A 156 -22.88 -8.67 -22.57
CA GLY A 156 -24.22 -8.51 -23.18
C GLY A 156 -24.23 -8.82 -24.66
N ALA A 157 -23.04 -8.98 -25.19
CA ALA A 157 -22.84 -9.33 -26.60
C ALA A 157 -22.86 -10.85 -26.71
N PRO A 158 -23.07 -11.40 -27.91
CA PRO A 158 -23.08 -12.83 -28.10
C PRO A 158 -21.69 -13.38 -27.92
N ASN A 159 -21.60 -14.48 -27.19
CA ASN A 159 -20.34 -15.22 -26.97
C ASN A 159 -20.27 -16.22 -28.06
N PRO A 160 -19.12 -16.43 -28.64
CA PRO A 160 -18.93 -17.54 -29.62
C PRO A 160 -19.34 -18.87 -29.03
N LYS A 161 -19.95 -19.70 -29.82
CA LYS A 161 -20.31 -21.03 -29.34
C LYS A 161 -19.52 -22.01 -30.11
N GLU A 162 -19.42 -21.92 -31.36
CA GLU A 162 -18.53 -22.79 -32.14
C GLU A 162 -17.39 -21.99 -32.64
N TRP A 163 -16.40 -22.61 -33.23
CA TRP A 163 -15.24 -21.83 -33.70
C TRP A 163 -15.58 -21.12 -34.95
N ASP A 164 -16.79 -21.36 -35.48
CA ASP A 164 -17.14 -20.53 -36.67
C ASP A 164 -18.54 -19.96 -36.74
N ASP A 165 -19.20 -19.64 -35.64
CA ASP A 165 -20.40 -18.96 -35.33
C ASP A 165 -20.57 -17.64 -36.10
N TYR A 166 -21.78 -17.13 -35.99
CA TYR A 166 -22.06 -15.79 -36.67
C TYR A 166 -21.28 -14.77 -35.86
N THR A 167 -21.08 -15.05 -34.57
CA THR A 167 -20.34 -14.15 -33.67
C THR A 167 -19.04 -13.62 -34.24
N TRP A 168 -18.34 -14.53 -34.93
CA TRP A 168 -17.01 -14.17 -35.45
C TRP A 168 -17.09 -13.16 -36.54
N GLN A 169 -18.27 -12.87 -37.02
CA GLN A 169 -18.46 -11.85 -38.08
C GLN A 169 -17.95 -10.51 -37.52
N SER A 170 -18.25 -10.41 -36.24
CA SER A 170 -17.76 -9.27 -35.42
C SER A 170 -17.96 -7.98 -36.15
N ALA A 171 -19.19 -7.68 -36.50
CA ALA A 171 -19.51 -6.50 -37.30
C ALA A 171 -19.47 -5.24 -36.49
N SER A 172 -19.67 -5.39 -35.20
CA SER A 172 -19.63 -4.18 -34.36
C SER A 172 -18.57 -4.29 -33.32
N ASN A 173 -17.83 -5.28 -33.18
CA ASN A 173 -16.88 -5.61 -32.06
C ASN A 173 -15.51 -5.59 -32.58
N PRO A 174 -14.58 -4.87 -32.01
CA PRO A 174 -13.23 -4.74 -32.64
C PRO A 174 -12.57 -6.06 -32.70
N SER A 175 -12.08 -6.45 -33.88
CA SER A 175 -11.24 -7.77 -33.83
C SER A 175 -10.00 -7.58 -34.65
N VAL A 176 -8.86 -8.21 -34.35
CA VAL A 176 -7.63 -8.12 -35.04
C VAL A 176 -7.29 -9.55 -35.65
N PHE A 177 -6.83 -9.66 -36.84
CA PHE A 177 -6.40 -10.95 -37.45
C PHE A 177 -4.89 -10.87 -37.62
N PHE A 178 -4.08 -11.67 -37.10
CA PHE A 178 -2.60 -11.65 -37.33
C PHE A 178 -2.12 -13.06 -37.56
N LYS A 179 -0.90 -13.29 -37.93
CA LYS A 179 -0.39 -14.65 -38.21
C LYS A 179 0.29 -15.22 -36.99
N VAL A 180 0.11 -16.51 -36.83
CA VAL A 180 0.87 -17.22 -35.73
C VAL A 180 2.34 -16.93 -35.89
N GLY A 181 3.12 -16.61 -34.88
CA GLY A 181 4.59 -16.38 -35.08
C GLY A 181 4.83 -14.89 -35.10
N ASP A 182 3.80 -14.18 -35.54
CA ASP A 182 3.82 -12.73 -35.47
C ASP A 182 3.11 -12.35 -34.17
N THR A 183 3.00 -11.09 -34.02
CA THR A 183 2.51 -10.29 -32.94
C THR A 183 1.47 -9.33 -33.35
N SER A 184 0.55 -9.08 -32.51
CA SER A 184 -0.55 -8.08 -32.90
C SER A 184 -0.46 -7.02 -31.81
N ARG A 185 -0.82 -5.80 -32.14
CA ARG A 185 -0.70 -4.69 -31.17
C ARG A 185 -1.68 -3.53 -31.48
N PHE A 186 -2.29 -2.97 -30.42
CA PHE A 186 -3.26 -1.84 -30.51
C PHE A 186 -3.37 -1.24 -29.12
N SER A 187 -4.15 -0.20 -28.93
CA SER A 187 -4.23 0.38 -27.59
C SER A 187 -5.68 0.77 -27.32
N VAL A 188 -6.09 0.62 -26.08
CA VAL A 188 -7.48 0.87 -25.68
C VAL A 188 -7.55 2.03 -24.70
N PRO A 189 -8.53 2.94 -24.80
CA PRO A 189 -8.66 4.04 -23.85
C PRO A 189 -8.99 3.47 -22.50
N TYR A 190 -8.96 4.28 -21.48
CA TYR A 190 -9.33 3.82 -20.13
C TYR A 190 -10.88 3.48 -20.15
N VAL A 191 -11.20 2.14 -20.16
CA VAL A 191 -12.63 1.63 -20.28
C VAL A 191 -13.36 1.36 -18.94
N GLY A 192 -12.79 1.82 -17.85
CA GLY A 192 -13.44 1.64 -16.53
C GLY A 192 -14.75 2.44 -16.49
N LEU A 193 -15.70 1.96 -15.69
CA LEU A 193 -16.98 2.67 -15.51
C LEU A 193 -16.77 3.89 -14.58
N ALA A 194 -15.93 3.85 -13.60
CA ALA A 194 -15.77 5.00 -12.64
C ALA A 194 -14.64 5.89 -13.09
N SER A 195 -14.06 6.62 -12.18
CA SER A 195 -13.02 7.61 -12.59
C SER A 195 -11.68 6.92 -12.59
N ALA A 196 -11.56 5.82 -11.88
CA ALA A 196 -10.30 5.04 -11.78
C ALA A 196 -10.70 3.56 -11.67
N TYR A 197 -9.80 2.65 -11.84
CA TYR A 197 -10.09 1.20 -11.62
C TYR A 197 -9.88 0.94 -10.14
N ASN A 198 -10.68 0.18 -9.44
CA ASN A 198 -10.35 -0.02 -7.99
C ASN A 198 -9.33 -1.19 -7.93
N CYS A 199 -8.19 -0.99 -7.37
CA CYS A 199 -7.28 -2.08 -7.09
C CYS A 199 -7.86 -2.88 -5.88
N PHE A 200 -8.67 -2.28 -5.10
CA PHE A 200 -9.26 -2.91 -3.94
C PHE A 200 -10.68 -2.37 -3.80
N TYR A 201 -11.53 -3.14 -3.17
CA TYR A 201 -12.93 -2.65 -3.03
C TYR A 201 -13.52 -3.28 -1.79
N ASP A 202 -13.75 -2.55 -0.71
CA ASP A 202 -14.26 -3.33 0.49
C ASP A 202 -15.74 -3.16 0.40
N GLY A 203 -16.32 -3.87 -0.60
CA GLY A 203 -17.83 -3.76 -0.73
C GLY A 203 -18.39 -5.00 -1.41
N TYR A 204 -19.65 -4.96 -1.71
CA TYR A 204 -20.48 -5.95 -2.37
C TYR A 204 -21.21 -5.31 -3.54
N SER A 205 -21.90 -6.07 -4.37
CA SER A 205 -22.57 -5.50 -5.52
C SER A 205 -23.95 -5.04 -5.05
N HIS A 206 -24.32 -5.61 -3.93
CA HIS A 206 -25.60 -5.16 -3.32
C HIS A 206 -25.65 -5.73 -1.93
N ASP A 207 -26.62 -5.32 -1.16
CA ASP A 207 -26.64 -5.81 0.23
C ASP A 207 -27.30 -7.18 0.22
N ASP A 208 -26.68 -8.15 -0.29
CA ASP A 208 -27.19 -9.54 -0.33
C ASP A 208 -26.47 -10.28 0.79
N ALA A 209 -27.03 -11.32 1.32
CA ALA A 209 -26.35 -11.98 2.43
C ALA A 209 -25.29 -12.93 1.91
N GLU A 210 -25.36 -13.29 0.71
CA GLU A 210 -24.41 -14.34 0.24
C GLU A 210 -23.72 -13.80 -0.97
N THR A 211 -23.82 -12.50 -1.31
CA THR A 211 -23.13 -12.12 -2.62
C THR A 211 -21.65 -12.13 -2.43
N GLN A 212 -20.86 -12.20 -3.50
CA GLN A 212 -19.36 -12.33 -3.40
C GLN A 212 -18.79 -10.96 -2.99
N TYR A 213 -17.66 -10.96 -2.37
CA TYR A 213 -16.93 -9.72 -1.95
C TYR A 213 -15.66 -9.64 -2.78
N GLY A 214 -15.19 -8.42 -2.84
CA GLY A 214 -13.99 -8.12 -3.54
C GLY A 214 -14.28 -7.18 -4.68
N ILE A 215 -13.43 -7.34 -5.62
CA ILE A 215 -13.34 -6.45 -6.83
C ILE A 215 -13.90 -7.20 -8.02
N THR A 216 -14.00 -8.50 -7.79
CA THR A 216 -14.51 -9.47 -8.74
C THR A 216 -15.87 -9.03 -9.27
N VAL A 217 -16.48 -8.16 -8.48
CA VAL A 217 -17.82 -7.65 -8.75
C VAL A 217 -17.80 -6.37 -9.56
N LEU A 218 -16.81 -5.56 -9.28
CA LEU A 218 -16.64 -4.25 -9.88
C LEU A 218 -16.02 -4.32 -11.28
N ASN A 219 -14.89 -5.01 -11.31
CA ASN A 219 -14.06 -5.16 -12.51
C ASN A 219 -14.68 -6.18 -13.47
N HIS A 220 -15.72 -5.70 -14.10
CA HIS A 220 -16.53 -6.46 -15.09
C HIS A 220 -16.26 -5.91 -16.48
N MET A 221 -15.37 -6.56 -17.25
CA MET A 221 -14.87 -6.02 -18.51
C MET A 221 -14.99 -6.92 -19.73
N GLY A 222 -15.50 -8.10 -19.54
CA GLY A 222 -15.74 -9.07 -20.59
C GLY A 222 -14.46 -9.84 -20.92
N SER A 223 -14.64 -10.74 -21.85
CA SER A 223 -13.62 -11.69 -22.31
C SER A 223 -13.25 -11.38 -23.77
N MET A 224 -12.06 -11.82 -24.08
CA MET A 224 -11.39 -11.73 -25.38
C MET A 224 -11.18 -13.13 -25.95
N ALA A 225 -11.85 -13.27 -27.00
CA ALA A 225 -11.95 -14.59 -27.64
C ALA A 225 -10.92 -14.72 -28.76
N PHE A 226 -10.27 -15.89 -28.75
CA PHE A 226 -9.27 -16.25 -29.77
C PHE A 226 -9.68 -17.48 -30.57
N ARG A 227 -9.35 -17.56 -31.80
CA ARG A 227 -9.61 -18.78 -32.59
C ARG A 227 -8.64 -18.76 -33.76
N ILE A 228 -8.47 -19.86 -34.43
CA ILE A 228 -7.67 -19.91 -35.71
C ILE A 228 -8.63 -19.78 -36.84
N VAL A 229 -8.24 -19.05 -37.89
CA VAL A 229 -9.31 -18.85 -38.94
C VAL A 229 -9.20 -20.04 -39.84
N ASN A 230 -8.00 -20.64 -39.96
CA ASN A 230 -7.77 -21.73 -40.89
C ASN A 230 -8.63 -22.97 -40.59
N GLU A 231 -9.01 -23.65 -41.69
CA GLU A 231 -9.65 -24.97 -41.52
C GLU A 231 -8.45 -25.89 -41.18
N HIS A 232 -8.79 -27.16 -40.97
CA HIS A 232 -7.78 -28.13 -40.56
C HIS A 232 -7.04 -28.75 -41.74
N ASP A 233 -5.73 -28.97 -41.39
CA ASP A 233 -4.83 -29.72 -42.23
C ASP A 233 -4.90 -31.18 -41.66
N GLU A 234 -4.02 -31.98 -42.28
CA GLU A 234 -4.00 -33.40 -41.82
C GLU A 234 -3.44 -33.45 -40.44
N HIS A 235 -2.43 -32.72 -40.01
CA HIS A 235 -1.98 -32.90 -38.59
C HIS A 235 -2.69 -31.90 -37.70
N LYS A 236 -2.31 -31.92 -36.46
CA LYS A 236 -2.96 -31.00 -35.46
C LYS A 236 -1.95 -29.94 -35.13
N THR A 237 -2.32 -28.76 -34.77
CA THR A 237 -1.33 -27.70 -34.50
C THR A 237 -1.77 -27.01 -33.19
N LEU A 238 -0.85 -26.93 -32.28
CA LEU A 238 -1.13 -26.24 -30.99
C LEU A 238 -0.65 -24.81 -31.14
N VAL A 239 -1.53 -23.89 -30.82
CA VAL A 239 -1.12 -22.43 -30.90
C VAL A 239 -1.28 -21.93 -29.48
N LYS A 240 -0.27 -21.30 -28.96
CA LYS A 240 -0.31 -20.85 -27.53
C LYS A 240 -0.23 -19.32 -27.61
N ILE A 241 -1.21 -18.68 -27.00
CA ILE A 241 -1.32 -17.21 -27.00
C ILE A 241 -0.83 -16.61 -25.70
N ARG A 242 0.07 -15.61 -25.87
CA ARG A 242 0.57 -14.81 -24.72
C ARG A 242 0.15 -13.33 -24.88
N VAL A 243 -0.61 -12.82 -23.94
CA VAL A 243 -1.07 -11.43 -23.96
C VAL A 243 -0.17 -10.59 -23.09
N TYR A 244 0.44 -9.54 -23.57
CA TYR A 244 1.28 -8.60 -22.78
C TYR A 244 0.52 -7.31 -22.57
N HIS A 245 0.63 -6.66 -21.44
CA HIS A 245 -0.10 -5.40 -21.20
C HIS A 245 0.84 -4.32 -20.72
N ARG A 246 0.80 -3.14 -21.28
CA ARG A 246 1.62 -1.98 -20.92
C ARG A 246 0.69 -0.82 -20.58
N ALA A 247 0.79 -0.27 -19.44
CA ALA A 247 0.00 0.89 -19.05
C ALA A 247 0.64 2.14 -19.67
N LYS A 248 -0.19 3.00 -20.27
CA LYS A 248 0.34 4.31 -20.79
C LYS A 248 -0.66 5.35 -20.29
N HIS A 249 -0.11 6.50 -19.91
CA HIS A 249 -0.88 7.63 -19.34
C HIS A 249 -1.36 7.29 -17.97
N VAL A 250 -0.47 6.87 -17.08
CA VAL A 250 -0.81 6.36 -15.76
C VAL A 250 -1.18 7.35 -14.71
N GLU A 251 -2.11 7.06 -13.90
CA GLU A 251 -2.44 8.03 -12.76
C GLU A 251 -2.74 7.15 -11.56
N ALA A 252 -2.11 7.30 -10.43
CA ALA A 252 -2.30 6.35 -9.31
C ALA A 252 -2.61 7.04 -8.05
N TRP A 253 -3.52 6.67 -7.21
CA TRP A 253 -3.81 7.37 -5.95
C TRP A 253 -3.69 6.43 -4.77
N ILE A 254 -3.36 6.95 -3.62
CA ILE A 254 -3.30 6.34 -2.32
C ILE A 254 -2.42 5.14 -2.19
N PRO A 255 -1.14 5.32 -1.87
CA PRO A 255 -0.17 4.19 -1.75
C PRO A 255 -0.55 3.26 -0.64
N ARG A 256 -0.26 1.99 -0.71
CA ARG A 256 -0.59 1.03 0.38
C ARG A 256 0.61 0.18 0.69
N ALA A 257 0.59 -0.59 1.71
CA ALA A 257 1.67 -1.53 2.12
C ALA A 257 1.87 -2.58 1.06
N PRO A 258 3.09 -2.99 0.68
CA PRO A 258 3.30 -3.96 -0.41
C PRO A 258 2.76 -5.30 -0.04
N ARG A 259 2.43 -6.19 -0.97
CA ARG A 259 1.99 -7.51 -0.70
C ARG A 259 3.06 -8.39 -0.04
N ALA A 260 2.80 -9.00 1.07
CA ALA A 260 3.81 -9.81 1.74
C ALA A 260 3.55 -11.27 1.48
N LEU A 261 2.34 -11.80 1.70
CA LEU A 261 2.07 -13.25 1.50
C LEU A 261 1.73 -13.50 0.04
N PRO A 262 1.73 -14.77 -0.33
CA PRO A 262 1.44 -15.22 -1.68
C PRO A 262 -0.02 -15.00 -1.94
N TYR A 263 -0.38 -15.00 -3.20
CA TYR A 263 -1.76 -14.79 -3.68
C TYR A 263 -2.42 -16.17 -3.91
N THR A 264 -3.73 -16.22 -3.81
CA THR A 264 -4.44 -17.48 -3.99
C THR A 264 -5.48 -17.30 -5.03
N SER A 265 -6.04 -16.13 -5.18
CA SER A 265 -7.22 -15.93 -6.10
C SER A 265 -7.23 -14.66 -6.87
N ILE A 266 -7.78 -14.58 -8.08
CA ILE A 266 -7.96 -13.30 -8.78
C ILE A 266 -9.02 -12.53 -7.97
N GLY A 267 -8.62 -11.36 -7.55
CA GLY A 267 -9.58 -10.44 -6.95
C GLY A 267 -9.86 -10.58 -5.51
N ARG A 268 -9.22 -11.52 -4.82
CA ARG A 268 -9.45 -11.42 -3.32
C ARG A 268 -8.06 -11.32 -2.75
N THR A 269 -8.00 -10.79 -1.58
CA THR A 269 -6.79 -10.50 -0.83
C THR A 269 -6.23 -11.67 -0.07
N ASN A 270 -7.04 -12.76 -0.03
CA ASN A 270 -6.76 -13.97 0.62
C ASN A 270 -5.31 -14.54 0.33
N TYR A 271 -4.76 -14.99 1.39
CA TYR A 271 -3.46 -15.66 1.42
C TYR A 271 -3.68 -17.11 1.88
N PRO A 272 -2.76 -17.98 1.54
CA PRO A 272 -2.83 -19.39 1.88
C PRO A 272 -2.62 -19.73 3.31
N LYS A 273 -3.28 -20.78 3.87
CA LYS A 273 -3.10 -21.15 5.29
C LYS A 273 -1.80 -21.85 5.56
N ASN A 274 -1.33 -21.73 6.78
CA ASN A 274 0.04 -22.39 7.00
C ASN A 274 0.81 -21.96 5.67
N THR A 275 1.17 -20.72 5.85
CA THR A 275 2.02 -20.02 4.84
C THR A 275 3.38 -20.01 5.45
N GLU A 276 4.48 -19.47 5.02
CA GLU A 276 5.71 -19.51 5.92
C GLU A 276 6.04 -18.16 6.44
N PRO A 277 6.79 -18.11 7.49
CA PRO A 277 7.17 -16.74 8.06
C PRO A 277 7.82 -16.00 6.87
N VAL A 278 7.39 -14.76 6.73
CA VAL A 278 7.87 -13.91 5.62
C VAL A 278 9.01 -13.09 6.13
N ILE A 279 9.21 -12.89 7.41
CA ILE A 279 10.39 -12.10 7.85
C ILE A 279 11.55 -13.05 8.10
N LYS A 280 12.68 -12.99 7.53
CA LYS A 280 13.86 -13.85 7.72
C LYS A 280 14.34 -13.84 9.16
N LYS A 281 14.43 -14.96 9.77
CA LYS A 281 14.92 -15.05 11.16
C LYS A 281 16.44 -14.87 11.17
N ARG A 282 16.91 -14.13 12.17
CA ARG A 282 18.32 -13.94 12.34
C ARG A 282 19.06 -15.23 12.56
N LYS A 283 20.27 -15.20 12.02
CA LYS A 283 21.13 -16.50 12.42
C LYS A 283 21.95 -15.94 13.54
N GLY A 284 21.47 -15.83 14.74
CA GLY A 284 22.24 -15.19 15.83
C GLY A 284 21.28 -14.31 16.61
N ASP A 285 21.71 -13.54 17.52
CA ASP A 285 21.15 -12.56 18.25
C ASP A 285 20.53 -11.36 17.66
N ILE A 286 19.85 -10.60 18.61
CA ILE A 286 19.42 -9.25 18.08
C ILE A 286 20.77 -8.48 17.80
N LYS A 287 21.74 -8.81 18.67
CA LYS A 287 23.02 -8.14 18.63
C LYS A 287 23.86 -8.51 17.44
N SER A 288 23.54 -9.55 16.72
CA SER A 288 24.36 -10.01 15.56
C SER A 288 24.61 -9.12 14.42
N TYR A 289 25.67 -9.19 13.67
CA TYR A 289 25.76 -8.27 12.47
C TYR A 289 25.30 -8.97 11.20
N GLY B 8 0.81 30.30 24.64
CA GLY B 8 0.67 29.13 25.66
C GLY B 8 -0.13 28.03 24.92
N TYR B 9 -0.26 28.27 23.60
CA TYR B 9 -1.00 27.16 22.84
C TYR B 9 -0.01 26.05 22.79
N SER B 10 -0.46 24.83 23.01
CA SER B 10 0.51 23.69 22.89
C SER B 10 -0.09 22.84 21.79
N ASP B 11 0.63 22.05 21.15
CA ASP B 11 0.19 21.04 20.26
C ASP B 11 -0.72 20.01 20.94
N ARG B 12 -0.52 19.92 22.22
CA ARG B 12 -0.95 19.18 23.33
C ARG B 12 -2.38 19.35 23.79
N VAL B 13 -2.90 20.52 23.95
CA VAL B 13 -4.30 20.74 24.33
C VAL B 13 -5.14 21.08 23.13
N GLN B 14 -6.33 20.61 22.97
CA GLN B 14 -7.16 20.88 21.82
C GLN B 14 -8.61 20.79 22.16
N GLN B 15 -9.40 21.46 21.36
CA GLN B 15 -10.84 21.43 21.49
C GLN B 15 -11.44 21.25 20.11
N ILE B 16 -12.30 20.29 19.90
CA ILE B 16 -13.01 20.16 18.61
C ILE B 16 -14.48 20.32 18.85
N THR B 17 -15.18 21.27 18.37
CA THR B 17 -16.61 21.44 18.58
C THR B 17 -17.29 21.14 17.25
N LEU B 18 -18.19 20.27 17.25
CA LEU B 18 -18.82 19.86 15.94
C LEU B 18 -20.25 19.54 16.33
N GLY B 19 -21.10 20.39 15.85
CA GLY B 19 -22.52 20.31 16.07
C GLY B 19 -22.76 20.78 17.52
N ASN B 20 -23.27 19.90 18.24
CA ASN B 20 -23.80 20.16 19.63
C ASN B 20 -22.96 19.40 20.58
N SER B 21 -21.77 18.97 20.09
CA SER B 21 -20.85 18.19 20.88
C SER B 21 -19.39 18.66 20.84
N THR B 22 -18.70 18.69 21.93
CA THR B 22 -17.35 19.13 22.05
C THR B 22 -16.46 18.14 22.77
N ILE B 23 -15.25 18.00 22.34
CA ILE B 23 -14.19 17.17 22.87
C ILE B 23 -13.00 17.99 23.33
N THR B 24 -12.43 17.78 24.46
CA THR B 24 -11.25 18.52 24.87
C THR B 24 -10.19 17.45 25.16
N THR B 25 -9.00 17.62 24.73
CA THR B 25 -7.88 16.80 25.10
C THR B 25 -6.77 17.71 25.62
N GLN B 26 -6.20 17.28 26.71
CA GLN B 26 -5.10 18.04 27.33
C GLN B 26 -3.78 17.32 27.06
N GLU B 27 -3.77 16.29 26.27
CA GLU B 27 -2.57 15.54 25.97
C GLU B 27 -2.52 14.93 24.61
N ALA B 28 -2.71 15.70 23.60
CA ALA B 28 -2.77 15.38 22.21
C ALA B 28 -1.35 15.31 21.63
N ALA B 29 -1.14 14.84 20.43
CA ALA B 29 0.09 14.82 19.69
C ALA B 29 -0.29 15.25 18.26
N ASN B 30 -0.61 16.54 18.22
CA ASN B 30 -1.02 17.16 16.87
C ASN B 30 -2.23 16.38 16.35
N ALA B 31 -2.57 16.34 15.11
CA ALA B 31 -3.71 15.63 14.54
C ALA B 31 -3.33 15.41 13.07
N VAL B 32 -3.84 14.39 12.51
CA VAL B 32 -3.47 14.06 11.13
C VAL B 32 -4.70 14.39 10.28
N VAL B 33 -4.39 14.91 9.11
CA VAL B 33 -5.49 15.16 8.13
C VAL B 33 -5.12 14.33 6.90
N CYS B 34 -5.80 13.22 6.70
CA CYS B 34 -5.44 12.31 5.64
C CYS B 34 -5.06 12.96 4.34
N TYR B 35 -3.85 12.65 3.85
CA TYR B 35 -3.42 13.08 2.51
C TYR B 35 -3.47 14.58 2.45
N ALA B 36 -3.38 15.16 3.65
CA ALA B 36 -3.35 16.64 3.75
C ALA B 36 -4.58 17.26 3.15
N GLU B 37 -5.72 16.70 3.10
CA GLU B 37 -6.95 17.27 2.63
C GLU B 37 -8.06 17.21 3.63
N TRP B 38 -8.77 18.23 3.77
CA TRP B 38 -9.88 18.39 4.78
C TRP B 38 -11.17 18.10 4.19
N PRO B 39 -12.12 17.52 4.85
CA PRO B 39 -13.40 17.05 4.18
C PRO B 39 -14.05 18.21 3.47
N GLU B 40 -14.62 18.19 2.32
CA GLU B 40 -15.39 19.23 1.65
C GLU B 40 -16.59 18.65 0.90
N TYR B 41 -17.63 19.42 0.60
CA TYR B 41 -18.79 18.85 -0.14
C TYR B 41 -18.41 18.59 -1.60
N LEU B 42 -19.43 17.94 -2.23
CA LEU B 42 -19.20 17.49 -3.60
C LEU B 42 -19.46 18.60 -4.58
N PRO B 43 -18.46 19.03 -5.27
CA PRO B 43 -18.56 20.08 -6.28
C PRO B 43 -19.36 19.67 -7.48
N ASP B 44 -20.00 20.61 -8.19
CA ASP B 44 -20.82 20.29 -9.35
C ASP B 44 -19.99 19.69 -10.49
N VAL B 45 -18.80 20.19 -10.59
CA VAL B 45 -17.94 19.79 -11.75
C VAL B 45 -17.70 18.27 -11.61
N ASP B 46 -17.76 17.77 -10.39
CA ASP B 46 -17.55 16.35 -10.12
C ASP B 46 -18.83 15.50 -10.01
N ALA B 47 -19.96 16.11 -9.97
CA ALA B 47 -21.26 15.53 -9.84
C ALA B 47 -21.72 14.76 -11.05
N SER B 48 -22.54 13.75 -10.85
CA SER B 48 -23.13 12.96 -11.88
C SER B 48 -24.66 12.80 -11.65
N ASP B 49 -25.03 12.24 -10.55
CA ASP B 49 -26.49 12.12 -10.20
C ASP B 49 -27.12 13.51 -10.26
N VAL B 50 -28.31 13.68 -10.87
CA VAL B 50 -28.84 15.02 -11.03
C VAL B 50 -29.62 15.47 -9.81
N ASN B 51 -29.72 14.63 -8.83
CA ASN B 51 -30.58 14.96 -7.66
C ASN B 51 -29.98 16.00 -6.77
N LYS B 52 -30.74 16.91 -6.29
CA LYS B 52 -30.20 17.95 -5.28
C LYS B 52 -29.82 17.18 -4.07
N THR B 53 -28.78 17.31 -3.32
CA THR B 53 -28.53 16.42 -2.14
C THR B 53 -29.05 16.98 -0.86
N SER B 54 -29.06 16.25 0.25
CA SER B 54 -29.67 16.77 1.54
C SER B 54 -28.53 16.95 2.50
N LYS B 55 -28.47 18.05 3.18
CA LYS B 55 -27.21 18.21 4.05
C LYS B 55 -27.71 18.51 5.44
N PRO B 56 -27.99 17.50 6.21
CA PRO B 56 -28.61 17.64 7.52
C PRO B 56 -27.73 18.47 8.42
N ASP B 57 -26.47 18.71 8.04
CA ASP B 57 -25.66 19.57 8.86
C ASP B 57 -25.53 19.08 10.31
N THR B 58 -25.84 19.97 11.25
CA THR B 58 -25.56 19.74 12.66
C THR B 58 -26.25 18.56 13.25
N SER B 59 -27.23 17.99 12.66
CA SER B 59 -27.94 16.84 13.27
C SER B 59 -27.20 15.58 12.93
N VAL B 60 -26.39 15.49 11.93
CA VAL B 60 -25.59 14.37 11.59
C VAL B 60 -24.13 14.69 11.82
N CYS B 61 -23.73 15.94 11.83
CA CYS B 61 -22.24 16.18 11.96
C CYS B 61 -21.87 16.48 13.35
N ARG B 62 -22.06 15.58 14.26
CA ARG B 62 -21.75 15.74 15.70
C ARG B 62 -20.95 14.52 16.08
N PHE B 63 -20.57 14.39 17.35
CA PHE B 63 -19.65 13.27 17.75
C PHE B 63 -20.40 12.12 18.33
N TYR B 64 -20.34 10.95 17.75
CA TYR B 64 -20.93 9.71 18.37
C TYR B 64 -19.83 8.91 19.07
N THR B 65 -19.98 8.61 20.35
CA THR B 65 -18.97 7.76 21.05
C THR B 65 -19.38 6.32 21.02
N LEU B 66 -18.80 5.47 20.25
CA LEU B 66 -18.98 4.03 20.27
C LEU B 66 -18.68 3.43 21.67
N ASP B 67 -19.27 2.25 21.85
CA ASP B 67 -18.99 1.52 23.10
C ASP B 67 -17.56 1.21 23.37
N SER B 68 -17.15 1.22 24.63
CA SER B 68 -15.69 1.10 24.92
C SER B 68 -14.96 -0.16 24.81
N LYS B 69 -13.76 -0.33 24.46
CA LYS B 69 -13.00 -1.61 24.42
C LYS B 69 -12.09 -1.68 25.66
N THR B 70 -11.56 -2.89 25.92
CA THR B 70 -10.66 -3.09 27.05
C THR B 70 -9.32 -3.69 26.64
N TRP B 71 -8.32 -2.87 26.81
CA TRP B 71 -6.95 -3.26 26.37
C TRP B 71 -6.43 -4.02 27.58
N THR B 72 -6.01 -5.17 27.23
CA THR B 72 -5.37 -6.05 28.22
C THR B 72 -4.13 -6.62 27.49
N THR B 73 -3.38 -7.23 28.39
CA THR B 73 -2.09 -7.71 27.94
C THR B 73 -2.22 -8.70 26.86
N GLY B 74 -3.39 -9.29 26.73
CA GLY B 74 -3.51 -10.22 25.60
C GLY B 74 -4.11 -9.68 24.36
N SER B 75 -4.44 -8.40 24.31
CA SER B 75 -5.25 -7.83 23.17
C SER B 75 -4.55 -7.94 21.87
N LYS B 76 -5.18 -8.21 20.77
CA LYS B 76 -4.50 -8.21 19.48
C LYS B 76 -4.83 -6.94 18.72
N GLY B 77 -5.97 -6.37 18.85
CA GLY B 77 -6.25 -5.06 18.11
C GLY B 77 -7.69 -5.06 17.72
N TRP B 78 -8.32 -3.99 17.30
CA TRP B 78 -9.77 -3.99 16.91
C TRP B 78 -9.91 -3.28 15.57
N CYS B 79 -10.95 -3.51 14.86
CA CYS B 79 -11.12 -2.91 13.56
C CYS B 79 -12.57 -2.50 13.38
N TRP B 80 -12.84 -1.27 13.00
CA TRP B 80 -14.18 -0.76 12.72
C TRP B 80 -14.22 -0.32 11.23
N LYS B 81 -15.35 -0.41 10.63
CA LYS B 81 -15.49 0.06 9.22
C LYS B 81 -16.40 1.27 9.20
N LEU B 82 -16.21 2.22 8.29
CA LEU B 82 -17.05 3.43 8.13
C LEU B 82 -17.68 3.43 6.73
N PRO B 83 -18.94 3.80 6.55
CA PRO B 83 -19.82 4.29 7.59
C PRO B 83 -20.47 3.29 8.48
N ASP B 84 -20.18 2.02 8.42
CA ASP B 84 -20.84 0.97 9.21
C ASP B 84 -20.94 1.27 10.71
N ALA B 85 -19.81 1.45 11.37
CA ALA B 85 -19.77 1.75 12.76
C ALA B 85 -20.86 2.73 13.11
N LEU B 86 -21.24 3.61 12.25
CA LEU B 86 -22.26 4.62 12.66
C LEU B 86 -23.64 4.25 12.18
N LYS B 87 -23.94 3.16 11.59
CA LYS B 87 -25.19 2.72 10.97
C LYS B 87 -26.37 2.87 11.87
N ASP B 88 -26.19 2.96 13.13
CA ASP B 88 -27.22 3.16 14.11
C ASP B 88 -27.14 4.39 14.94
N MET B 89 -26.31 5.37 14.64
CA MET B 89 -26.21 6.54 15.48
C MET B 89 -27.17 7.60 15.00
N GLY B 90 -28.13 7.85 15.83
CA GLY B 90 -29.06 9.00 15.72
C GLY B 90 -29.58 9.17 14.31
N VAL B 91 -29.69 10.43 13.89
CA VAL B 91 -30.21 10.70 12.54
C VAL B 91 -29.20 10.39 11.45
N PHE B 92 -27.92 10.18 11.79
CA PHE B 92 -26.91 9.88 10.76
C PHE B 92 -27.37 8.56 10.14
N GLY B 93 -27.54 7.59 11.02
CA GLY B 93 -28.01 6.29 10.63
C GLY B 93 -29.30 6.28 9.89
N GLN B 94 -30.27 7.06 10.24
CA GLN B 94 -31.58 6.96 9.56
C GLN B 94 -31.40 7.36 8.09
N ASN B 95 -30.71 8.47 7.93
CA ASN B 95 -30.44 9.09 6.62
C ASN B 95 -29.79 8.05 5.73
N MET B 96 -28.86 7.33 6.37
CA MET B 96 -28.08 6.28 5.74
C MET B 96 -28.95 5.22 5.13
N PHE B 97 -29.93 4.69 5.86
CA PHE B 97 -30.81 3.62 5.37
C PHE B 97 -31.87 4.09 4.42
N PHE B 98 -32.25 5.35 4.51
CA PHE B 98 -33.26 5.99 3.74
C PHE B 98 -32.73 6.57 2.46
N HIS B 99 -31.51 6.98 2.20
CA HIS B 99 -31.18 7.45 0.84
C HIS B 99 -30.42 6.39 0.08
N SER B 100 -30.56 6.39 -1.18
CA SER B 100 -29.86 5.58 -2.16
C SER B 100 -28.37 5.83 -2.16
N LEU B 101 -27.91 7.01 -1.92
CA LEU B 101 -26.48 7.38 -2.00
C LEU B 101 -26.12 8.33 -0.91
N GLY B 102 -24.91 8.41 -0.48
CA GLY B 102 -24.64 9.44 0.65
C GLY B 102 -23.12 9.61 0.52
N ARG B 103 -22.59 10.54 1.23
CA ARG B 103 -21.08 10.75 1.14
C ARG B 103 -20.68 11.44 2.41
N SER B 104 -19.47 11.17 2.94
CA SER B 104 -19.12 11.83 4.22
C SER B 104 -17.66 11.81 4.54
N GLY B 105 -17.14 12.69 5.32
CA GLY B 105 -15.75 12.68 5.81
C GLY B 105 -15.94 12.47 7.32
N TYR B 106 -14.90 12.32 8.13
CA TYR B 106 -15.11 12.13 9.57
C TYR B 106 -13.98 12.74 10.37
N THR B 107 -14.23 13.05 11.62
CA THR B 107 -13.15 13.32 12.57
C THR B 107 -13.13 12.09 13.51
N VAL B 108 -12.08 11.37 13.65
CA VAL B 108 -11.97 10.18 14.53
C VAL B 108 -11.14 10.58 15.73
N HIS B 109 -11.60 10.35 16.92
CA HIS B 109 -10.79 10.77 18.14
C HIS B 109 -10.60 9.54 18.99
N VAL B 110 -9.52 8.84 19.07
CA VAL B 110 -9.36 7.61 19.92
C VAL B 110 -8.72 8.00 21.24
N GLN B 111 -9.28 7.57 22.33
CA GLN B 111 -8.90 7.95 23.69
C GLN B 111 -8.39 6.81 24.58
N CYS B 112 -7.26 7.02 25.23
CA CYS B 112 -6.77 6.01 26.17
C CYS B 112 -5.85 6.63 27.19
N ASN B 113 -6.27 6.87 28.40
CA ASN B 113 -5.34 7.52 29.39
C ASN B 113 -4.86 6.51 30.44
N ALA B 114 -3.74 6.72 31.04
CA ALA B 114 -3.11 5.78 31.99
C ALA B 114 -2.40 6.57 33.05
N THR B 115 -1.20 6.27 33.45
CA THR B 115 -0.48 7.17 34.41
C THR B 115 0.99 7.17 33.99
N LYS B 116 1.84 7.95 34.68
CA LYS B 116 3.27 7.97 34.24
C LYS B 116 4.01 6.72 34.66
N PHE B 117 3.34 5.69 35.12
CA PHE B 117 4.07 4.43 35.47
C PHE B 117 3.69 3.37 34.43
N HIS B 118 2.60 3.60 33.69
CA HIS B 118 2.23 2.61 32.62
C HIS B 118 3.11 2.76 31.41
N SER B 119 3.16 1.79 30.53
CA SER B 119 3.85 1.77 29.25
C SER B 119 2.86 1.03 28.30
N GLY B 120 3.07 1.23 27.06
CA GLY B 120 2.12 0.55 26.05
C GLY B 120 2.06 1.59 24.90
N CYS B 121 1.79 1.16 23.72
CA CYS B 121 1.70 2.08 22.60
C CYS B 121 0.74 1.56 21.57
N LEU B 122 -0.33 2.20 21.17
CA LEU B 122 -1.32 1.70 20.21
C LEU B 122 -1.03 2.34 18.85
N LEU B 123 -1.25 1.73 17.74
CA LEU B 123 -1.16 2.39 16.40
C LEU B 123 -2.60 2.73 16.02
N VAL B 124 -2.98 3.88 15.65
CA VAL B 124 -4.34 4.23 15.22
C VAL B 124 -4.25 4.52 13.74
N VAL B 125 -4.79 3.76 12.83
CA VAL B 125 -4.55 3.98 11.39
C VAL B 125 -5.83 3.93 10.62
N VAL B 126 -5.92 4.68 9.54
CA VAL B 126 -7.13 4.66 8.69
C VAL B 126 -6.77 4.06 7.36
N ILE B 127 -7.36 2.99 6.91
CA ILE B 127 -6.98 2.36 5.62
C ILE B 127 -8.06 2.53 4.56
N PRO B 128 -7.84 3.33 3.52
CA PRO B 128 -8.87 3.50 2.49
C PRO B 128 -8.97 2.18 1.76
N GLU B 129 -10.18 1.73 1.48
CA GLU B 129 -10.53 0.50 0.84
C GLU B 129 -9.91 -0.74 1.39
N HIS B 130 -10.01 -1.04 2.62
CA HIS B 130 -9.49 -2.22 3.29
C HIS B 130 -10.20 -3.51 2.97
N GLN B 131 -9.98 -4.12 1.86
CA GLN B 131 -10.64 -5.38 1.43
C GLN B 131 -10.04 -6.49 2.27
N LEU B 132 -10.79 -7.16 3.09
CA LEU B 132 -10.29 -8.20 4.04
C LEU B 132 -10.05 -9.52 3.32
N ALA B 133 -9.35 -10.43 3.92
CA ALA B 133 -9.08 -11.77 3.34
C ALA B 133 -9.87 -12.82 4.08
N SER B 134 -10.26 -13.88 3.39
CA SER B 134 -10.96 -15.01 4.08
C SER B 134 -9.89 -15.83 4.75
N HIS B 135 -10.04 -16.28 5.95
CA HIS B 135 -9.02 -17.20 6.55
C HIS B 135 -9.03 -18.54 5.86
N GLU B 136 -10.06 -18.92 5.14
CA GLU B 136 -10.06 -20.16 4.39
C GLU B 136 -9.03 -20.24 3.28
N GLY B 137 -8.56 -19.16 2.76
CA GLY B 137 -7.61 -19.19 1.61
C GLY B 137 -8.38 -19.30 0.31
N GLY B 138 -7.70 -19.77 -0.71
CA GLY B 138 -8.36 -19.99 -2.02
C GLY B 138 -9.14 -18.83 -2.49
N ASN B 139 -10.40 -18.95 -2.74
CA ASN B 139 -11.20 -17.76 -3.19
C ASN B 139 -12.48 -17.76 -2.39
N VAL B 140 -12.36 -18.19 -1.15
CA VAL B 140 -13.54 -18.18 -0.24
C VAL B 140 -13.88 -16.70 -0.04
N SER B 141 -15.15 -16.34 -0.02
CA SER B 141 -15.46 -14.87 0.16
C SER B 141 -15.64 -14.57 1.63
N VAL B 142 -15.80 -13.35 2.04
CA VAL B 142 -16.04 -12.95 3.41
C VAL B 142 -17.49 -12.44 3.41
N LYS B 143 -18.40 -13.13 4.03
CA LYS B 143 -19.79 -12.72 3.99
C LYS B 143 -19.97 -11.32 4.67
N TYR B 144 -20.98 -10.67 4.13
CA TYR B 144 -21.51 -9.36 4.40
C TYR B 144 -21.54 -9.05 5.88
N THR B 145 -22.34 -9.82 6.52
CA THR B 145 -22.39 -9.66 8.00
C THR B 145 -21.02 -9.58 8.59
N PHE B 146 -20.12 -10.40 8.19
CA PHE B 146 -18.78 -10.32 8.78
C PHE B 146 -18.05 -9.05 8.57
N THR B 147 -18.29 -8.30 7.54
CA THR B 147 -17.61 -7.08 7.26
C THR B 147 -18.53 -5.92 7.63
N HIS B 148 -19.56 -6.15 8.36
CA HIS B 148 -20.45 -5.10 8.79
C HIS B 148 -20.78 -5.26 10.28
N PRO B 149 -19.75 -5.40 11.11
CA PRO B 149 -19.91 -5.58 12.52
C PRO B 149 -20.63 -4.48 13.19
N GLY B 150 -20.82 -3.33 12.60
CA GLY B 150 -21.57 -2.25 13.34
C GLY B 150 -20.62 -1.72 14.40
N GLU B 151 -21.23 -1.15 15.41
CA GLU B 151 -20.46 -0.35 16.43
C GLU B 151 -19.55 -1.26 17.14
N ARG B 152 -19.83 -2.53 17.18
CA ARG B 152 -19.00 -3.53 17.88
C ARG B 152 -17.63 -3.66 17.26
N GLY B 153 -17.56 -3.49 15.94
CA GLY B 153 -16.29 -3.59 15.20
C GLY B 153 -15.87 -5.06 15.22
N ILE B 154 -14.76 -5.39 14.75
CA ILE B 154 -14.18 -6.70 14.66
C ILE B 154 -13.09 -6.82 15.71
N ASP B 155 -12.99 -7.89 16.45
CA ASP B 155 -12.00 -8.06 17.51
C ASP B 155 -11.02 -9.13 16.99
N LEU B 156 -9.89 -8.59 16.67
CA LEU B 156 -8.80 -9.38 16.12
C LEU B 156 -8.33 -10.45 17.04
N SER B 157 -8.87 -10.58 18.20
CA SER B 157 -8.34 -11.69 19.08
C SER B 157 -9.50 -12.66 19.30
N SER B 158 -10.58 -12.42 18.58
CA SER B 158 -11.72 -13.34 18.58
C SER B 158 -11.35 -14.52 17.68
N ALA B 159 -12.13 -15.55 17.68
CA ALA B 159 -11.79 -16.75 16.85
C ALA B 159 -12.20 -16.69 15.40
N ASN B 160 -11.47 -17.43 14.54
CA ASN B 160 -11.96 -17.48 13.12
C ASN B 160 -13.41 -17.92 13.14
N GLU B 161 -14.23 -17.35 12.31
CA GLU B 161 -15.65 -17.87 12.21
C GLU B 161 -15.86 -18.19 10.73
N VAL B 162 -17.04 -18.70 10.41
CA VAL B 162 -17.11 -19.27 8.99
C VAL B 162 -17.72 -18.22 8.15
N GLY B 163 -16.97 -17.77 7.16
CA GLY B 163 -17.58 -16.73 6.27
C GLY B 163 -17.10 -15.36 6.73
N GLY B 164 -16.35 -15.44 7.82
CA GLY B 164 -15.72 -14.22 8.37
C GLY B 164 -14.31 -14.07 7.76
N PRO B 165 -13.68 -12.92 8.07
CA PRO B 165 -12.33 -12.61 7.64
C PRO B 165 -11.29 -13.29 8.52
N VAL B 166 -10.06 -13.28 8.11
CA VAL B 166 -8.91 -13.80 8.92
C VAL B 166 -8.60 -12.75 9.97
N LYS B 167 -8.06 -13.08 11.14
CA LYS B 167 -7.86 -11.96 12.14
C LYS B 167 -6.45 -11.88 12.61
N ASP B 168 -5.55 -12.36 11.84
CA ASP B 168 -4.10 -12.40 12.08
C ASP B 168 -3.50 -11.04 12.07
N VAL B 169 -3.08 -10.36 13.06
CA VAL B 169 -2.49 -9.06 13.04
C VAL B 169 -1.20 -8.88 12.23
N LEU B 170 -0.17 -9.72 12.31
CA LEU B 170 1.08 -9.35 11.52
C LEU B 170 0.65 -9.24 10.05
N TYR B 171 -0.52 -9.57 9.60
CA TYR B 171 -0.86 -9.41 8.18
C TYR B 171 -1.96 -8.45 7.84
N ASN B 172 -2.39 -7.51 8.68
CA ASN B 172 -3.36 -6.50 8.40
C ASN B 172 -4.66 -7.08 7.88
N MET B 173 -4.98 -8.33 8.09
CA MET B 173 -6.22 -8.90 7.56
C MET B 173 -6.23 -8.91 6.03
N ASN B 174 -5.06 -8.80 5.39
CA ASN B 174 -5.03 -8.87 3.94
C ASN B 174 -3.73 -9.28 3.30
N GLY B 175 -2.74 -9.87 3.86
CA GLY B 175 -1.58 -10.27 3.12
C GLY B 175 -0.54 -9.19 3.05
N THR B 176 -0.58 -8.23 3.91
CA THR B 176 0.53 -7.18 3.97
C THR B 176 1.07 -7.11 5.35
N LEU B 177 2.24 -6.63 5.61
CA LEU B 177 2.81 -6.69 6.98
C LEU B 177 2.44 -5.53 7.87
N LEU B 178 2.14 -5.76 9.14
CA LEU B 178 1.79 -4.76 10.14
C LEU B 178 2.77 -3.59 10.08
N GLY B 179 4.02 -3.85 10.06
CA GLY B 179 5.05 -2.84 9.95
C GLY B 179 4.83 -1.81 8.91
N ASN B 180 4.18 -2.02 7.78
CA ASN B 180 4.02 -1.05 6.71
C ASN B 180 2.72 -0.33 6.70
N LEU B 181 1.97 -0.39 7.70
CA LEU B 181 0.65 0.26 7.82
C LEU B 181 0.92 1.74 7.99
N LEU B 182 2.15 2.05 8.29
CA LEU B 182 2.57 3.44 8.54
C LEU B 182 2.49 4.20 7.23
N ILE B 183 2.41 3.53 6.05
CA ILE B 183 2.19 4.34 4.84
C ILE B 183 0.76 4.93 4.85
N PHE B 184 -0.18 4.46 5.67
CA PHE B 184 -1.54 5.05 5.76
C PHE B 184 -1.59 6.14 6.81
N PRO B 185 -2.45 7.15 6.63
CA PRO B 185 -2.56 8.24 7.66
C PRO B 185 -2.67 7.59 9.01
N HIS B 186 -1.85 7.88 9.94
CA HIS B 186 -1.99 7.19 11.25
C HIS B 186 -1.37 8.02 12.32
N GLN B 187 -1.57 7.59 13.53
CA GLN B 187 -0.95 8.41 14.72
C GLN B 187 -0.75 7.41 15.80
N PHE B 188 0.18 7.46 16.71
CA PHE B 188 0.42 6.45 17.77
C PHE B 188 -0.19 7.00 19.05
N ILE B 189 -0.55 6.22 20.01
CA ILE B 189 -0.96 6.69 21.36
C ILE B 189 0.13 6.05 22.27
N ASN B 190 1.11 6.73 22.70
CA ASN B 190 2.22 6.09 23.54
C ASN B 190 1.95 6.66 24.96
N LEU B 191 1.54 5.77 25.86
CA LEU B 191 1.06 6.21 27.18
C LEU B 191 1.98 7.26 27.72
N ARG B 192 3.25 7.13 27.48
CA ARG B 192 4.22 8.08 28.01
C ARG B 192 4.13 9.43 27.36
N THR B 193 3.48 9.68 26.25
CA THR B 193 3.46 10.90 25.51
C THR B 193 2.10 11.54 25.39
N ASN B 194 1.26 10.97 24.71
CA ASN B 194 0.00 10.92 24.16
C ASN B 194 -1.12 10.35 24.93
N ASN B 195 -2.38 10.72 24.82
CA ASN B 195 -3.50 10.01 25.50
C ASN B 195 -4.64 9.92 24.49
N THR B 196 -4.58 10.67 23.42
CA THR B 196 -5.56 10.57 22.33
C THR B 196 -4.82 10.59 21.01
N ALA B 197 -5.52 10.27 19.95
CA ALA B 197 -5.14 10.26 18.53
C ALA B 197 -6.32 10.90 17.80
N THR B 198 -6.13 11.78 16.86
CA THR B 198 -7.22 12.40 16.10
C THR B 198 -6.82 12.41 14.63
N ILE B 199 -7.69 11.91 13.80
CA ILE B 199 -7.43 11.87 12.35
C ILE B 199 -8.62 12.47 11.65
N VAL B 200 -8.48 13.39 10.73
CA VAL B 200 -9.61 13.96 9.93
C VAL B 200 -9.55 13.23 8.61
N ILE B 201 -10.65 12.63 8.20
CA ILE B 201 -10.73 11.83 6.95
C ILE B 201 -11.61 12.53 5.91
N PRO B 202 -11.00 12.91 4.80
CA PRO B 202 -11.73 13.47 3.67
C PRO B 202 -12.41 12.31 2.96
N TYR B 203 -13.39 12.45 2.18
CA TYR B 203 -14.09 11.38 1.46
C TYR B 203 -13.22 10.83 0.37
N ILE B 204 -12.82 9.59 0.31
CA ILE B 204 -11.90 9.05 -0.73
C ILE B 204 -12.57 7.97 -1.52
N ASN B 205 -12.92 8.12 -2.73
CA ASN B 205 -13.61 7.09 -3.54
C ASN B 205 -13.28 7.32 -5.00
N SER B 206 -13.60 6.37 -5.89
CA SER B 206 -13.37 6.44 -7.32
C SER B 206 -14.69 6.88 -8.02
N VAL B 207 -15.71 7.10 -7.25
CA VAL B 207 -16.97 7.66 -7.73
C VAL B 207 -17.35 8.83 -6.84
N PRO B 208 -18.14 9.77 -7.37
CA PRO B 208 -18.42 10.98 -6.61
C PRO B 208 -19.26 10.81 -5.37
N ILE B 209 -20.05 9.81 -5.30
CA ILE B 209 -20.99 9.47 -4.23
C ILE B 209 -21.28 7.97 -4.46
N ASP B 210 -21.58 7.28 -3.43
CA ASP B 210 -21.74 5.83 -3.51
C ASP B 210 -22.82 5.34 -2.61
N SER B 211 -22.99 4.06 -2.48
CA SER B 211 -23.99 3.52 -1.55
C SER B 211 -23.38 3.42 -0.18
N MET B 212 -24.07 3.74 0.88
CA MET B 212 -23.43 3.66 2.21
C MET B 212 -23.53 2.29 2.78
N THR B 213 -24.33 1.43 2.23
CA THR B 213 -24.50 0.11 2.84
C THR B 213 -23.75 -0.89 2.08
N ARG B 214 -23.61 -0.91 0.79
CA ARG B 214 -22.86 -2.04 0.17
C ARG B 214 -21.40 -1.77 0.15
N HIS B 215 -20.93 -0.63 0.56
CA HIS B 215 -19.44 -0.41 0.47
C HIS B 215 -18.92 0.44 1.59
N ASN B 216 -17.96 0.00 2.34
CA ASN B 216 -17.38 0.77 3.45
C ASN B 216 -16.14 1.41 2.82
N ASN B 217 -15.84 2.64 3.14
CA ASN B 217 -14.71 3.25 2.42
C ASN B 217 -13.53 3.41 3.30
N VAL B 218 -13.53 3.16 4.58
CA VAL B 218 -12.26 3.17 5.38
C VAL B 218 -12.47 2.16 6.51
N SER B 219 -11.39 1.60 6.93
CA SER B 219 -11.50 0.80 8.23
C SER B 219 -10.60 1.65 9.17
N LEU B 220 -11.02 1.85 10.34
CA LEU B 220 -10.22 2.51 11.40
C LEU B 220 -9.62 1.31 12.12
N MET B 221 -8.42 1.27 12.48
CA MET B 221 -7.83 0.09 13.17
C MET B 221 -7.06 0.56 14.38
N VAL B 222 -7.28 0.04 15.55
CA VAL B 222 -6.46 0.43 16.74
C VAL B 222 -5.72 -0.86 17.10
N ILE B 223 -4.42 -0.89 17.10
CA ILE B 223 -3.61 -2.12 17.37
C ILE B 223 -2.60 -1.94 18.43
N PRO B 224 -2.64 -2.67 19.53
CA PRO B 224 -1.54 -2.51 20.55
C PRO B 224 -0.25 -2.97 19.87
N ILE B 225 0.83 -2.31 19.93
CA ILE B 225 2.12 -2.71 19.35
C ILE B 225 3.12 -2.91 20.49
N ALA B 226 3.33 -1.95 21.36
CA ALA B 226 4.16 -2.22 22.55
C ALA B 226 3.02 -2.57 23.57
N PRO B 227 3.09 -3.79 24.05
CA PRO B 227 2.15 -4.35 25.01
C PRO B 227 1.91 -3.45 26.19
N LEU B 228 0.69 -3.56 26.73
CA LEU B 228 0.35 -2.72 27.91
C LEU B 228 1.13 -3.24 29.09
N THR B 229 1.75 -2.38 29.83
CA THR B 229 2.48 -2.85 31.05
C THR B 229 2.07 -2.02 32.22
N VAL B 230 1.26 -2.54 33.15
CA VAL B 230 0.83 -1.65 34.26
C VAL B 230 1.79 -1.69 35.43
N PRO B 231 1.75 -0.63 36.22
CA PRO B 231 2.58 -0.57 37.44
C PRO B 231 2.17 -1.75 38.30
N THR B 232 3.03 -2.07 39.23
CA THR B 232 2.92 -3.17 40.13
C THR B 232 1.65 -3.15 40.97
N GLY B 233 1.06 -4.37 40.81
CA GLY B 233 -0.27 -4.54 41.50
C GLY B 233 -1.29 -3.54 41.02
N ALA B 234 -1.13 -3.08 39.79
CA ALA B 234 -2.20 -2.22 39.20
C ALA B 234 -3.14 -3.22 38.55
N THR B 235 -4.36 -2.82 38.31
CA THR B 235 -5.19 -3.68 37.47
C THR B 235 -4.54 -3.78 36.09
N PRO B 236 -4.51 -4.92 35.63
CA PRO B 236 -3.84 -5.12 34.31
C PRO B 236 -4.69 -4.74 33.16
N SER B 237 -5.44 -3.66 33.15
CA SER B 237 -6.09 -3.31 31.82
C SER B 237 -6.47 -1.86 31.79
N LEU B 238 -6.70 -1.31 30.61
CA LEU B 238 -7.17 0.11 30.41
C LEU B 238 -8.29 0.08 29.41
N PRO B 239 -9.30 0.89 29.50
CA PRO B 239 -10.37 0.93 28.42
C PRO B 239 -9.85 1.78 27.29
N ILE B 240 -10.24 1.55 26.10
CA ILE B 240 -9.91 2.44 24.93
C ILE B 240 -11.27 2.96 24.44
N THR B 241 -11.53 4.20 24.24
CA THR B 241 -12.84 4.64 23.70
C THR B 241 -12.72 5.23 22.34
N VAL B 242 -13.60 4.97 21.41
CA VAL B 242 -13.48 5.62 20.05
C VAL B 242 -14.64 6.58 19.87
N THR B 243 -14.48 7.87 19.64
CA THR B 243 -15.62 8.80 19.34
C THR B 243 -15.45 9.25 17.92
N ILE B 244 -16.37 9.20 17.06
CA ILE B 244 -16.31 9.58 15.64
C ILE B 244 -17.43 10.52 15.20
N ALA B 245 -17.11 11.55 14.41
CA ALA B 245 -18.14 12.50 13.93
C ALA B 245 -18.20 12.62 12.45
N PRO B 246 -19.28 12.30 11.81
CA PRO B 246 -19.42 12.56 10.36
C PRO B 246 -19.22 14.06 10.16
N MET B 247 -18.63 14.38 9.01
CA MET B 247 -18.42 15.84 8.70
C MET B 247 -18.56 15.98 7.19
N CYS B 248 -19.21 17.11 6.85
CA CYS B 248 -19.70 17.47 5.54
C CYS B 248 -20.59 16.36 4.95
N THR B 249 -21.46 15.74 5.63
CA THR B 249 -22.29 14.67 5.10
C THR B 249 -23.32 15.14 4.15
N GLU B 250 -23.54 14.38 3.07
CA GLU B 250 -24.59 14.70 2.06
C GLU B 250 -25.29 13.36 1.70
N PHE B 251 -26.58 13.43 1.61
CA PHE B 251 -27.35 12.22 1.24
C PHE B 251 -28.09 12.56 -0.03
N SER B 252 -28.33 11.63 -0.86
CA SER B 252 -29.07 11.86 -2.12
C SER B 252 -29.80 10.62 -2.55
N GLY B 253 -30.91 10.83 -3.26
CA GLY B 253 -31.74 9.70 -3.76
C GLY B 253 -32.53 9.06 -2.64
N ILE B 254 -33.47 9.80 -2.07
CA ILE B 254 -34.30 9.41 -0.97
C ILE B 254 -35.48 8.56 -1.49
N ARG B 255 -35.88 7.67 -0.63
CA ARG B 255 -36.93 6.70 -0.97
C ARG B 255 -37.37 5.86 0.22
N SER B 256 -37.48 4.60 -0.08
CA SER B 256 -38.13 3.67 0.78
C SER B 256 -37.29 3.22 1.88
N LYS B 257 -36.03 3.16 1.97
CA LYS B 257 -35.43 2.59 3.26
C LYS B 257 -34.91 1.16 3.07
N SER B 258 -33.62 1.03 2.89
CA SER B 258 -32.93 -0.17 2.59
C SER B 258 -33.17 -1.21 3.68
N ILE B 259 -33.18 -2.44 3.18
CA ILE B 259 -33.27 -3.63 4.14
C ILE B 259 -31.98 -4.41 3.98
N VAL B 260 -31.18 -4.58 5.01
CA VAL B 260 -29.85 -5.25 4.62
C VAL B 260 -29.77 -6.53 5.40
N PRO B 261 -29.04 -7.50 4.87
CA PRO B 261 -28.84 -8.73 5.54
C PRO B 261 -28.51 -8.52 7.03
N GLN B 262 -29.15 -9.50 7.70
CA GLN B 262 -29.06 -9.90 9.09
C GLN B 262 -29.53 -8.83 10.02
N GLY C 1 5.43 5.62 -54.67
CA GLY C 1 6.33 4.74 -53.71
C GLY C 1 7.68 5.04 -53.21
N LEU C 2 7.93 5.53 -51.96
CA LEU C 2 9.22 5.94 -51.43
C LEU C 2 10.17 4.84 -51.06
N PRO C 3 11.40 4.74 -51.55
CA PRO C 3 12.33 3.62 -51.27
C PRO C 3 12.78 3.53 -49.85
N THR C 4 12.72 2.42 -49.16
CA THR C 4 13.11 2.17 -47.80
C THR C 4 14.06 0.96 -47.73
N THR C 5 14.71 0.80 -46.61
CA THR C 5 15.58 -0.31 -46.25
C THR C 5 15.28 -0.80 -44.85
N THR C 6 15.03 -2.05 -44.52
CA THR C 6 14.69 -2.26 -43.03
C THR C 6 15.89 -2.63 -42.29
N LEU C 7 16.04 -2.21 -41.03
CA LEU C 7 17.30 -2.51 -40.27
C LEU C 7 17.12 -3.77 -39.38
N PRO C 8 18.27 -4.21 -38.88
CA PRO C 8 18.29 -5.30 -37.91
C PRO C 8 17.33 -4.88 -36.81
N GLY C 9 16.51 -5.72 -36.27
CA GLY C 9 15.63 -5.44 -35.13
C GLY C 9 14.20 -5.29 -35.62
N SER C 10 14.05 -5.16 -36.95
CA SER C 10 12.67 -5.05 -37.46
C SER C 10 11.86 -6.26 -36.95
N GLY C 11 10.61 -6.02 -36.71
CA GLY C 11 9.72 -6.99 -36.17
C GLY C 11 9.98 -7.37 -34.76
N GLN C 12 10.94 -6.94 -34.05
CA GLN C 12 11.12 -7.44 -32.65
C GLN C 12 10.11 -6.83 -31.75
N PHE C 13 9.81 -7.41 -30.63
CA PHE C 13 8.92 -6.84 -29.55
C PHE C 13 9.78 -6.62 -28.30
N LEU C 14 10.05 -5.42 -27.93
CA LEU C 14 10.92 -5.12 -26.74
C LEU C 14 9.99 -4.66 -25.66
N THR C 15 9.80 -5.31 -24.54
CA THR C 15 8.71 -4.92 -23.61
C THR C 15 8.86 -3.51 -23.13
N THR C 16 9.96 -2.84 -23.32
CA THR C 16 10.31 -1.51 -22.81
C THR C 16 10.31 -0.37 -23.74
N ASP C 17 9.94 -0.56 -25.01
CA ASP C 17 9.94 0.41 -26.06
C ASP C 17 8.66 1.23 -25.87
N ASP C 18 8.53 2.42 -26.43
CA ASP C 18 7.31 3.23 -26.22
C ASP C 18 6.86 3.88 -27.51
N ARG C 19 5.90 3.31 -28.17
CA ARG C 19 5.46 3.81 -29.48
C ARG C 19 3.94 3.95 -29.55
N GLN C 20 3.47 4.47 -30.71
CA GLN C 20 2.02 4.66 -30.91
C GLN C 20 1.37 3.39 -31.45
N SER C 21 0.13 3.17 -31.27
CA SER C 21 -0.65 2.06 -31.69
C SER C 21 -2.02 2.53 -32.09
N PRO C 22 -2.62 1.80 -32.97
CA PRO C 22 -4.06 2.13 -33.29
C PRO C 22 -4.95 1.87 -32.08
N SER C 23 -5.95 2.71 -31.83
CA SER C 23 -6.92 2.43 -30.76
C SER C 23 -7.97 1.44 -31.28
N ALA C 24 -8.24 0.37 -30.56
CA ALA C 24 -9.28 -0.60 -30.91
C ALA C 24 -10.69 0.00 -30.79
N LEU C 25 -10.94 0.89 -29.93
CA LEU C 25 -12.14 1.61 -29.65
C LEU C 25 -12.05 3.09 -30.14
N PRO C 26 -12.17 3.24 -31.43
CA PRO C 26 -12.13 4.57 -32.04
C PRO C 26 -13.36 5.31 -31.50
N ASN C 27 -13.07 6.50 -31.08
CA ASN C 27 -13.98 7.50 -30.64
C ASN C 27 -14.71 7.46 -29.33
N TYR C 28 -14.33 6.56 -28.55
CA TYR C 28 -14.87 6.25 -27.22
C TYR C 28 -14.50 7.34 -26.25
N GLU C 29 -15.33 7.71 -25.39
CA GLU C 29 -15.12 8.74 -24.42
C GLU C 29 -15.01 8.29 -23.03
N PRO C 30 -13.80 8.36 -22.45
CA PRO C 30 -13.58 7.82 -21.06
C PRO C 30 -14.34 8.55 -20.00
N THR C 31 -14.62 7.95 -18.84
CA THR C 31 -15.30 8.62 -17.75
C THR C 31 -14.48 9.78 -17.27
N PRO C 32 -15.13 10.87 -16.94
CA PRO C 32 -14.46 12.10 -16.47
C PRO C 32 -13.61 11.81 -15.27
N ARG C 33 -12.55 12.50 -15.01
CA ARG C 33 -11.79 12.19 -13.72
C ARG C 33 -12.46 12.98 -12.60
N ILE C 34 -12.60 12.52 -11.40
CA ILE C 34 -13.12 13.40 -10.31
C ILE C 34 -11.89 13.59 -9.43
N HIS C 35 -11.94 14.30 -8.37
CA HIS C 35 -10.70 14.54 -7.56
C HIS C 35 -10.53 13.45 -6.55
N ILE C 36 -9.39 12.93 -6.28
CA ILE C 36 -9.31 11.83 -5.22
C ILE C 36 -8.12 12.29 -4.41
N PRO C 37 -8.11 12.43 -3.12
CA PRO C 37 -6.90 12.81 -2.37
C PRO C 37 -5.85 11.74 -2.57
N GLY C 38 -4.59 11.93 -2.31
CA GLY C 38 -3.58 10.96 -2.34
C GLY C 38 -2.84 10.62 -3.53
N LYS C 39 -2.73 11.39 -4.59
CA LYS C 39 -2.05 10.99 -5.85
C LYS C 39 -0.58 10.84 -5.61
N VAL C 40 -0.03 9.76 -6.19
CA VAL C 40 1.44 9.47 -6.09
C VAL C 40 2.08 9.77 -7.42
N HIS C 41 3.20 10.43 -7.51
CA HIS C 41 3.80 10.61 -8.81
C HIS C 41 5.11 9.82 -8.91
N ASN C 42 5.92 9.77 -7.91
CA ASN C 42 7.22 9.12 -7.97
C ASN C 42 7.33 8.10 -6.86
N LEU C 43 7.99 7.01 -7.07
CA LEU C 43 8.16 6.07 -5.92
C LEU C 43 9.06 6.81 -4.89
N LEU C 44 9.76 7.83 -5.35
CA LEU C 44 10.67 8.58 -4.42
C LEU C 44 9.79 9.33 -3.46
N GLU C 45 8.52 9.59 -3.80
CA GLU C 45 7.71 10.33 -2.84
C GLU C 45 7.40 9.48 -1.63
N ILE C 46 7.06 8.22 -1.89
CA ILE C 46 6.65 7.34 -0.81
C ILE C 46 7.76 6.76 0.01
N ILE C 47 8.95 6.46 -0.51
CA ILE C 47 10.01 5.88 0.36
C ILE C 47 10.50 6.89 1.39
N GLN C 48 9.99 8.11 1.45
CA GLN C 48 10.37 9.06 2.50
C GLN C 48 9.43 8.96 3.68
N VAL C 49 8.34 8.25 3.59
CA VAL C 49 7.47 7.98 4.77
C VAL C 49 8.12 6.88 5.58
N ASP C 50 8.26 7.02 6.88
CA ASP C 50 8.98 5.93 7.62
C ASP C 50 7.98 4.84 7.99
N THR C 51 8.50 3.64 8.05
CA THR C 51 7.79 2.43 8.46
C THR C 51 8.70 1.67 9.42
N LEU C 52 8.11 0.83 10.21
CA LEU C 52 8.70 0.05 11.27
C LEU C 52 9.61 -1.05 10.69
N ILE C 53 10.71 -1.34 11.32
CA ILE C 53 11.65 -2.40 10.98
C ILE C 53 11.52 -3.58 11.94
N PRO C 54 11.29 -4.77 11.45
CA PRO C 54 11.22 -5.94 12.39
C PRO C 54 12.64 -6.21 12.83
N MET C 55 13.24 -5.41 13.67
CA MET C 55 14.61 -5.54 14.08
C MET C 55 14.92 -6.77 14.91
N ASN C 56 14.00 -7.15 15.75
CA ASN C 56 13.98 -8.26 16.64
C ASN C 56 13.59 -9.58 15.97
N ASN C 57 13.96 -9.78 14.74
CA ASN C 57 14.02 -10.92 13.98
C ASN C 57 14.29 -12.33 14.53
N THR C 58 14.60 -12.50 15.72
CA THR C 58 14.97 -13.67 16.43
C THR C 58 13.85 -14.61 16.66
N HIS C 59 12.64 -14.24 16.35
CA HIS C 59 11.58 -15.26 16.53
C HIS C 59 11.64 -16.30 15.42
N THR C 60 10.70 -17.22 15.60
CA THR C 60 10.57 -18.36 14.72
C THR C 60 9.38 -18.40 13.83
N LYS C 61 8.41 -17.56 14.03
CA LYS C 61 7.24 -17.42 13.10
C LYS C 61 6.98 -15.91 13.10
N ASP C 62 6.43 -15.25 12.12
CA ASP C 62 6.32 -13.79 12.14
C ASP C 62 5.43 -13.37 13.33
N GLU C 63 5.87 -12.44 14.11
CA GLU C 63 5.07 -11.97 15.26
C GLU C 63 5.28 -10.50 15.52
N VAL C 64 4.29 -9.85 16.19
CA VAL C 64 4.28 -8.42 16.44
C VAL C 64 5.49 -8.06 17.28
N ASN C 65 6.22 -9.00 17.67
CA ASN C 65 7.20 -8.89 18.73
C ASN C 65 8.56 -8.70 18.20
N SER C 66 8.54 -8.83 16.88
CA SER C 66 9.91 -8.74 16.21
C SER C 66 10.08 -7.31 15.78
N TYR C 67 9.04 -6.51 16.10
CA TYR C 67 9.10 -5.07 15.86
C TYR C 67 9.61 -4.43 17.16
N LEU C 68 9.59 -5.16 18.26
CA LEU C 68 9.97 -4.59 19.56
C LEU C 68 11.41 -4.91 19.92
N ILE C 69 12.25 -3.90 20.09
CA ILE C 69 13.64 -4.03 20.58
C ILE C 69 13.58 -3.90 22.08
N PRO C 70 13.94 -4.91 22.85
CA PRO C 70 13.78 -4.81 24.33
C PRO C 70 14.96 -4.08 24.93
N LEU C 71 14.73 -3.50 26.07
CA LEU C 71 15.72 -2.75 26.85
C LEU C 71 15.66 -3.32 28.28
N ASN C 72 16.77 -3.51 28.94
CA ASN C 72 16.86 -4.00 30.29
C ASN C 72 17.22 -2.96 31.29
N ALA C 73 16.54 -2.77 32.43
CA ALA C 73 16.96 -1.73 33.42
C ALA C 73 18.30 -2.05 34.04
N ASN C 74 18.95 -1.04 34.56
CA ASN C 74 20.25 -1.19 35.10
C ASN C 74 21.30 -1.90 34.35
N ARG C 75 21.38 -2.09 33.09
CA ARG C 75 22.65 -2.66 32.48
C ARG C 75 23.51 -1.42 32.08
N GLN C 76 24.74 -1.50 32.10
CA GLN C 76 25.73 -0.42 31.85
C GLN C 76 26.51 -0.81 30.62
N ASN C 77 27.34 -0.03 30.01
CA ASN C 77 28.21 -0.38 28.92
C ASN C 77 27.71 -1.30 27.87
N GLU C 78 26.71 -2.05 27.88
CA GLU C 78 26.30 -3.15 26.96
C GLU C 78 25.65 -2.86 25.68
N GLN C 79 25.40 -3.82 24.79
CA GLN C 79 24.87 -3.54 23.46
C GLN C 79 23.43 -3.86 23.25
N VAL C 80 22.60 -2.90 22.76
CA VAL C 80 21.17 -3.08 22.55
C VAL C 80 20.82 -3.85 21.29
N PHE C 81 21.44 -3.67 20.19
CA PHE C 81 21.07 -4.40 18.93
C PHE C 81 22.20 -4.19 17.92
N GLY C 82 22.19 -4.85 16.81
CA GLY C 82 23.27 -4.67 15.80
C GLY C 82 22.62 -5.16 14.49
N THR C 83 23.04 -4.73 13.38
CA THR C 83 22.60 -5.14 12.08
C THR C 83 23.54 -4.60 11.00
N ASN C 84 23.67 -5.31 9.90
CA ASN C 84 24.50 -4.66 8.81
C ASN C 84 23.51 -3.75 8.03
N LEU C 85 24.02 -3.05 7.05
CA LEU C 85 23.06 -2.17 6.31
C LEU C 85 22.89 -2.70 4.90
N PHE C 86 22.41 -3.89 4.77
CA PHE C 86 22.08 -4.37 3.37
C PHE C 86 20.57 -4.08 3.32
N ILE C 87 20.22 -2.88 2.85
CA ILE C 87 18.82 -2.48 2.80
C ILE C 87 17.98 -3.40 1.96
N GLY C 88 18.56 -4.22 1.12
CA GLY C 88 17.69 -5.11 0.32
C GLY C 88 17.53 -6.49 0.92
N ASP C 89 17.92 -6.71 2.13
CA ASP C 89 17.91 -8.01 2.72
C ASP C 89 17.73 -8.01 4.18
N GLY C 90 17.57 -9.17 4.84
CA GLY C 90 17.59 -9.09 6.32
C GLY C 90 16.59 -8.26 6.99
N VAL C 91 16.82 -7.51 8.06
CA VAL C 91 15.71 -6.74 8.71
C VAL C 91 14.98 -5.81 7.76
N PHE C 92 15.68 -5.06 6.95
CA PHE C 92 15.19 -4.06 6.04
C PHE C 92 14.26 -4.56 4.98
N LYS C 93 14.43 -5.78 4.64
CA LYS C 93 13.79 -6.36 3.44
C LYS C 93 12.32 -6.29 3.33
N THR C 94 11.52 -6.28 4.36
CA THR C 94 10.05 -6.30 4.33
C THR C 94 9.48 -4.92 4.57
N THR C 95 10.35 -4.01 4.97
CA THR C 95 9.93 -2.62 5.18
C THR C 95 9.57 -2.04 3.82
N LEU C 96 8.81 -0.96 3.79
CA LEU C 96 8.44 -0.32 2.52
C LEU C 96 9.66 0.11 1.74
N LEU C 97 10.67 0.62 2.44
CA LEU C 97 11.91 1.04 1.83
C LEU C 97 12.57 -0.19 1.19
N GLY C 98 12.72 -1.19 2.00
CA GLY C 98 13.37 -2.42 1.53
C GLY C 98 12.65 -2.99 0.32
N GLU C 99 11.35 -2.90 0.39
CA GLU C 99 10.41 -3.49 -0.56
C GLU C 99 10.46 -2.79 -1.87
N ILE C 100 10.73 -1.48 -1.91
CA ILE C 100 10.82 -0.69 -3.14
C ILE C 100 12.21 -0.74 -3.74
N VAL C 101 13.20 -0.67 -2.91
CA VAL C 101 14.62 -0.77 -3.29
C VAL C 101 14.82 -2.02 -4.14
N GLN C 102 14.07 -3.02 -3.83
CA GLN C 102 14.13 -4.31 -4.51
C GLN C 102 13.58 -4.22 -5.89
N TYR C 103 12.84 -3.18 -6.27
CA TYR C 103 12.43 -3.05 -7.68
C TYR C 103 13.56 -2.40 -8.44
N TYR C 104 14.63 -1.99 -7.79
CA TYR C 104 15.71 -1.32 -8.60
C TYR C 104 17.02 -2.00 -8.37
N THR C 105 17.96 -1.85 -9.29
CA THR C 105 19.26 -2.47 -9.13
C THR C 105 20.28 -1.73 -8.31
N HIS C 106 20.32 -0.44 -8.36
CA HIS C 106 21.31 0.44 -7.70
C HIS C 106 20.66 1.44 -6.77
N TRP C 107 21.26 1.83 -5.69
CA TRP C 107 20.65 2.87 -4.81
C TRP C 107 21.82 3.77 -4.40
N SER C 108 21.57 4.98 -4.03
CA SER C 108 22.61 5.86 -3.48
C SER C 108 21.87 6.84 -2.59
N GLY C 109 22.46 7.45 -1.58
CA GLY C 109 21.70 8.37 -0.76
C GLY C 109 21.79 8.21 0.73
N SER C 110 21.11 9.20 1.44
CA SER C 110 21.21 8.95 2.94
C SER C 110 20.01 8.28 3.49
N LEU C 111 20.09 7.52 4.56
CA LEU C 111 18.95 6.80 5.16
C LEU C 111 18.60 7.49 6.47
N ARG C 112 17.31 7.41 6.82
CA ARG C 112 17.05 8.04 8.17
C ARG C 112 16.57 6.93 9.05
N PHE C 113 17.27 6.63 10.12
CA PHE C 113 16.91 5.56 11.11
C PHE C 113 16.45 6.17 12.40
N SER C 114 15.29 6.09 12.87
CA SER C 114 14.84 6.71 14.13
C SER C 114 14.35 5.66 15.10
N LEU C 115 14.34 5.92 16.36
CA LEU C 115 13.94 5.00 17.44
C LEU C 115 12.90 5.72 18.27
N MET C 116 11.74 5.16 18.51
CA MET C 116 10.77 5.93 19.40
C MET C 116 10.74 5.17 20.72
N TYR C 117 10.92 5.79 21.86
CA TYR C 117 10.93 5.09 23.16
C TYR C 117 9.52 4.95 23.73
N THR C 118 9.18 3.78 24.29
CA THR C 118 7.85 3.52 24.81
C THR C 118 7.77 3.24 26.30
N GLY C 119 8.88 3.32 27.04
CA GLY C 119 8.89 3.07 28.51
C GLY C 119 8.08 4.05 29.31
N PRO C 120 7.76 3.68 30.57
CA PRO C 120 6.98 4.64 31.43
C PRO C 120 7.63 6.02 31.34
N ALA C 121 6.75 7.02 31.43
CA ALA C 121 7.19 8.39 31.49
C ALA C 121 8.15 8.70 32.63
N LEU C 122 8.09 8.11 33.79
CA LEU C 122 8.96 8.39 34.95
C LEU C 122 10.29 7.62 34.90
N SER C 123 10.62 7.00 33.76
CA SER C 123 11.91 6.32 33.64
C SER C 123 12.89 7.20 32.88
N SER C 124 14.11 6.79 32.70
CA SER C 124 15.05 7.68 31.94
C SER C 124 16.10 6.83 31.31
N ALA C 125 16.81 7.26 30.32
CA ALA C 125 17.84 6.36 29.72
C ALA C 125 18.69 7.21 28.80
N LYS C 126 19.91 6.82 28.53
CA LYS C 126 20.77 7.47 27.54
C LYS C 126 21.41 6.30 26.72
N LEU C 127 21.13 6.31 25.43
CA LEU C 127 21.63 5.38 24.49
C LEU C 127 22.53 6.05 23.48
N ILE C 128 23.43 5.31 22.90
CA ILE C 128 24.30 5.82 21.79
C ILE C 128 24.01 5.02 20.51
N LEU C 129 23.71 5.62 19.39
CA LEU C 129 23.51 4.85 18.16
C LEU C 129 24.79 5.11 17.32
N ALA C 130 25.32 4.12 16.68
CA ALA C 130 26.57 4.35 15.94
C ALA C 130 26.41 3.76 14.56
N TYR C 131 26.84 4.46 13.53
CA TYR C 131 26.91 4.02 12.14
C TYR C 131 28.40 3.71 11.87
N THR C 132 28.76 2.57 11.39
CA THR C 132 30.22 2.26 11.15
C THR C 132 30.40 2.19 9.64
N PRO C 133 31.13 3.06 9.03
CA PRO C 133 31.24 3.10 7.54
C PRO C 133 32.06 1.90 7.08
N PRO C 134 31.87 1.54 5.86
CA PRO C 134 32.41 0.30 5.26
C PRO C 134 33.87 0.21 5.50
N GLY C 135 34.42 -0.98 5.74
CA GLY C 135 35.90 -1.00 5.92
C GLY C 135 36.32 -1.50 7.24
N ALA C 136 35.50 -1.38 8.23
CA ALA C 136 35.80 -1.92 9.62
C ALA C 136 34.80 -3.00 9.92
N ARG C 137 34.92 -3.79 10.94
CA ARG C 137 33.96 -4.81 11.33
C ARG C 137 32.81 -4.20 12.13
N GLY C 138 31.76 -4.99 12.30
CA GLY C 138 30.65 -4.45 13.23
C GLY C 138 31.41 -4.24 14.56
N PRO C 139 31.16 -3.10 15.17
CA PRO C 139 31.86 -2.77 16.44
C PRO C 139 31.47 -3.87 17.45
N GLN C 140 32.40 -4.15 18.27
CA GLN C 140 32.32 -5.09 19.35
C GLN C 140 32.13 -4.56 20.72
N ASP C 141 32.24 -3.33 20.99
CA ASP C 141 32.01 -2.69 22.30
C ASP C 141 31.85 -1.19 21.95
N ARG C 142 31.26 -0.46 22.82
CA ARG C 142 30.91 0.97 22.60
C ARG C 142 32.16 1.74 22.28
N ARG C 143 33.30 1.26 22.80
CA ARG C 143 34.48 2.16 22.60
C ARG C 143 34.71 2.12 21.09
N GLU C 144 34.60 0.91 20.65
CA GLU C 144 34.85 0.75 19.21
C GLU C 144 33.78 1.49 18.47
N ALA C 145 32.54 1.40 18.97
CA ALA C 145 31.39 1.97 18.23
C ALA C 145 31.43 3.48 18.18
N MET C 146 31.78 4.07 19.28
CA MET C 146 31.73 5.54 19.46
C MET C 146 32.73 6.22 18.58
N LEU C 147 33.68 5.60 17.93
CA LEU C 147 34.66 6.30 17.07
C LEU C 147 34.15 6.57 15.64
N GLY C 148 32.96 6.25 15.30
CA GLY C 148 32.34 6.41 13.99
C GLY C 148 31.09 7.26 14.24
N THR C 149 30.26 7.39 13.23
CA THR C 149 29.07 8.26 13.25
C THR C 149 28.20 7.85 14.40
N HIS C 150 27.89 8.76 15.27
CA HIS C 150 27.07 8.30 16.45
C HIS C 150 26.24 9.45 16.97
N VAL C 151 25.22 9.27 17.75
CA VAL C 151 24.37 10.27 18.38
C VAL C 151 24.11 9.84 19.83
N VAL C 152 24.44 10.60 20.85
CA VAL C 152 24.00 10.18 22.22
C VAL C 152 22.54 10.58 22.30
N TRP C 153 21.65 9.70 22.52
CA TRP C 153 20.19 10.01 22.58
C TRP C 153 19.75 10.20 23.99
N ASP C 154 19.14 11.25 24.41
CA ASP C 154 18.76 11.35 25.88
C ASP C 154 17.26 11.17 25.86
N ILE C 155 16.75 10.18 26.50
CA ILE C 155 15.26 9.86 26.47
C ILE C 155 14.55 10.88 27.25
N GLY C 156 13.61 11.59 26.59
CA GLY C 156 12.92 12.66 27.30
C GLY C 156 11.49 12.76 26.83
N LEU C 157 11.03 14.00 26.97
CA LEU C 157 9.70 14.40 26.59
C LEU C 157 9.50 14.11 25.13
N GLN C 158 10.40 14.55 24.36
CA GLN C 158 10.57 14.24 22.91
C GLN C 158 10.97 12.77 22.83
N SER C 159 9.98 12.03 22.30
CA SER C 159 10.01 10.57 22.33
C SER C 159 10.88 9.90 21.33
N THR C 160 11.08 10.43 20.13
CA THR C 160 11.88 9.85 19.06
C THR C 160 13.16 10.54 18.78
N ILE C 161 14.15 9.89 18.29
CA ILE C 161 15.43 10.34 17.91
C ILE C 161 15.62 9.87 16.43
N VAL C 162 16.06 10.73 15.60
CA VAL C 162 16.28 10.48 14.21
C VAL C 162 17.75 10.47 13.89
N MET C 163 18.33 9.35 13.64
CA MET C 163 19.71 9.22 13.27
C MET C 163 19.76 9.18 11.74
N THR C 164 20.69 9.80 11.15
CA THR C 164 20.82 9.76 9.62
C THR C 164 21.99 8.92 9.28
N ILE C 165 21.96 8.01 8.39
CA ILE C 165 23.26 7.28 7.98
C ILE C 165 23.74 8.06 6.80
N PRO C 166 24.58 9.05 6.98
CA PRO C 166 25.00 9.87 5.80
C PRO C 166 25.66 9.04 4.76
N TRP C 167 25.45 9.31 3.49
CA TRP C 167 26.08 8.54 2.40
C TRP C 167 27.63 8.65 2.48
N THR C 168 28.26 7.57 2.95
CA THR C 168 29.70 7.44 2.97
C THR C 168 30.14 6.44 1.93
N SER C 169 30.74 6.89 0.83
CA SER C 169 31.06 5.95 -0.23
C SER C 169 32.07 6.41 -1.21
N GLY C 170 32.84 5.48 -1.73
CA GLY C 170 33.83 5.79 -2.79
C GLY C 170 32.95 5.87 -4.08
N VAL C 171 32.53 4.73 -4.55
CA VAL C 171 31.65 4.46 -5.67
C VAL C 171 30.34 5.18 -5.38
N GLN C 172 29.78 5.82 -6.37
CA GLN C 172 28.53 6.60 -6.17
C GLN C 172 27.29 5.83 -6.19
N PHE C 173 27.29 4.57 -6.45
CA PHE C 173 26.06 3.72 -6.34
C PHE C 173 26.47 2.40 -5.73
N ARG C 174 25.58 1.82 -5.05
CA ARG C 174 25.74 0.48 -4.44
C ARG C 174 24.66 -0.40 -5.04
N TYR C 175 24.88 -1.67 -4.96
CA TYR C 175 23.82 -2.65 -5.38
C TYR C 175 22.77 -2.84 -4.32
N THR C 176 21.47 -2.97 -4.67
CA THR C 176 20.46 -3.23 -3.61
C THR C 176 20.57 -4.66 -3.13
N ASP C 177 20.85 -5.55 -4.00
CA ASP C 177 21.08 -7.00 -3.60
C ASP C 177 22.44 -7.02 -2.97
N PRO C 178 22.63 -7.68 -1.87
CA PRO C 178 23.87 -7.50 -1.06
C PRO C 178 25.06 -7.88 -1.89
N ASP C 179 26.03 -6.98 -1.83
CA ASP C 179 27.32 -7.18 -2.54
C ASP C 179 28.46 -6.62 -1.71
N THR C 180 29.61 -7.24 -1.76
CA THR C 180 30.70 -6.86 -0.88
C THR C 180 31.35 -5.53 -1.15
N TYR C 181 31.79 -5.40 -2.38
CA TYR C 181 32.60 -4.25 -2.79
C TYR C 181 31.81 -2.98 -2.43
N THR C 182 30.55 -3.11 -2.77
CA THR C 182 29.45 -2.21 -2.60
C THR C 182 28.82 -2.21 -1.25
N SER C 183 29.47 -2.67 -0.19
CA SER C 183 28.70 -2.82 1.10
C SER C 183 28.61 -1.57 1.88
N ALA C 184 27.62 -1.28 2.71
CA ALA C 184 27.50 -0.02 3.38
C ALA C 184 27.84 0.16 4.79
N GLY C 185 28.27 -0.79 5.56
CA GLY C 185 28.54 -0.58 7.01
C GLY C 185 27.66 -1.34 7.97
N PHE C 186 27.66 -0.94 9.21
CA PHE C 186 26.92 -1.51 10.26
C PHE C 186 26.26 -0.41 11.09
N LEU C 187 25.24 -0.86 11.79
CA LEU C 187 24.51 0.12 12.69
C LEU C 187 24.46 -0.52 14.04
N SER C 188 24.91 -0.01 15.12
CA SER C 188 24.79 -0.69 16.45
C SER C 188 24.21 0.29 17.44
N CYS C 189 23.82 -0.14 18.63
CA CYS C 189 23.23 0.80 19.67
C CYS C 189 23.64 0.23 21.03
N TRP C 190 24.08 1.02 22.00
CA TRP C 190 24.59 0.57 23.30
C TRP C 190 24.06 1.42 24.39
N TYR C 191 24.05 0.99 25.61
CA TYR C 191 23.65 1.90 26.74
C TYR C 191 24.73 2.94 26.90
N GLN C 192 24.39 4.20 27.05
CA GLN C 192 25.38 5.29 27.20
C GLN C 192 25.58 5.46 28.71
N THR C 193 24.45 5.42 29.37
CA THR C 193 24.49 5.34 30.86
C THR C 193 23.63 4.09 31.12
N SER C 194 22.34 4.18 31.16
CA SER C 194 21.59 2.89 31.37
C SER C 194 20.15 3.17 31.55
N LEU C 195 19.20 2.26 31.35
CA LEU C 195 17.76 2.57 31.53
C LEU C 195 17.45 2.53 33.02
N ILE C 196 16.65 3.37 33.55
CA ILE C 196 16.34 3.36 35.05
C ILE C 196 14.88 3.36 35.24
N LEU C 197 14.22 2.41 35.85
CA LEU C 197 12.69 2.47 35.89
C LEU C 197 12.28 3.13 37.20
N PRO C 198 11.15 3.78 37.24
CA PRO C 198 10.68 4.35 38.53
C PRO C 198 10.25 3.22 39.42
N PRO C 199 10.07 3.50 40.70
CA PRO C 199 9.50 2.57 41.65
C PRO C 199 8.17 2.00 41.15
N GLU C 200 7.81 0.85 41.68
CA GLU C 200 6.49 0.26 41.41
C GLU C 200 6.41 -0.17 39.97
N THR C 201 7.52 -0.21 39.31
CA THR C 201 7.55 -0.56 37.88
C THR C 201 8.47 -1.67 37.60
N THR C 202 8.18 -2.47 36.59
CA THR C 202 9.17 -3.58 36.34
C THR C 202 9.22 -4.21 35.01
N GLY C 203 10.36 -4.90 34.80
CA GLY C 203 10.46 -5.58 33.49
C GLY C 203 11.13 -4.87 32.38
N GLN C 204 10.83 -5.34 31.15
CA GLN C 204 11.47 -4.79 29.94
C GLN C 204 10.68 -3.62 29.37
N VAL C 205 11.40 -2.72 28.77
CA VAL C 205 10.65 -1.60 28.04
C VAL C 205 11.05 -1.81 26.59
N TYR C 206 10.30 -1.33 25.60
CA TYR C 206 10.77 -1.53 24.23
C TYR C 206 10.91 -0.27 23.44
N LEU C 207 11.78 -0.28 22.47
CA LEU C 207 11.94 0.80 21.50
C LEU C 207 11.25 0.29 20.18
N LEU C 208 10.57 1.13 19.48
CA LEU C 208 10.12 0.84 18.12
C LEU C 208 11.16 1.45 17.18
N SER C 209 11.45 0.86 16.06
CA SER C 209 12.49 1.55 15.18
C SER C 209 11.93 1.74 13.79
N PHE C 210 12.14 2.88 13.14
CA PHE C 210 11.62 3.06 11.76
C PHE C 210 12.74 3.24 10.75
N ILE C 211 12.50 3.09 9.46
CA ILE C 211 13.44 3.45 8.41
C ILE C 211 12.68 4.14 7.23
N SER C 212 13.23 5.16 6.70
CA SER C 212 12.82 5.92 5.53
C SER C 212 14.06 6.52 4.85
N ALA C 213 13.96 6.95 3.63
CA ALA C 213 15.08 7.49 2.86
C ALA C 213 15.15 8.99 2.93
N CYS C 214 16.29 9.59 2.96
CA CYS C 214 16.43 11.09 2.91
C CYS C 214 16.12 11.54 1.50
N PRO C 215 15.98 12.85 1.32
CA PRO C 215 15.59 13.43 0.04
C PRO C 215 16.72 13.35 -0.95
N ASP C 216 17.86 12.96 -0.67
CA ASP C 216 19.16 12.67 -1.10
C ASP C 216 19.22 11.50 -2.04
N PHE C 217 18.34 10.54 -1.76
CA PHE C 217 18.23 9.21 -2.29
C PHE C 217 18.05 9.06 -3.77
N LYS C 218 18.64 8.14 -4.41
CA LYS C 218 18.47 7.81 -5.84
C LYS C 218 18.37 6.31 -5.97
N LEU C 219 17.56 5.82 -6.82
CA LEU C 219 17.31 4.39 -7.12
C LEU C 219 17.34 4.34 -8.68
N ARG C 220 17.90 3.39 -9.29
CA ARG C 220 17.91 3.29 -10.74
C ARG C 220 18.05 1.88 -11.22
N LEU C 221 17.74 1.67 -12.51
CA LEU C 221 17.77 0.45 -13.25
C LEU C 221 16.77 -0.59 -12.68
N MET C 222 15.56 -0.39 -13.11
CA MET C 222 14.43 -1.24 -12.63
C MET C 222 14.63 -2.69 -13.04
N LYS C 223 14.18 -3.55 -12.20
CA LYS C 223 14.19 -4.98 -12.37
C LYS C 223 13.08 -5.62 -11.51
N ASP C 224 13.03 -6.92 -11.60
CA ASP C 224 12.02 -7.75 -10.95
C ASP C 224 12.37 -8.09 -9.52
N THR C 225 11.39 -8.21 -8.65
CA THR C 225 11.67 -8.37 -7.21
C THR C 225 11.72 -9.85 -6.89
N GLN C 226 12.63 -10.21 -6.01
CA GLN C 226 12.71 -11.57 -5.52
C GLN C 226 11.56 -11.73 -4.51
N THR C 227 10.87 -10.69 -4.17
CA THR C 227 9.83 -10.84 -3.17
C THR C 227 8.55 -11.38 -3.58
N ILE C 228 8.32 -11.91 -4.73
CA ILE C 228 7.04 -12.48 -5.17
C ILE C 228 7.15 -13.39 -6.35
N SER C 229 6.48 -14.52 -6.25
CA SER C 229 6.62 -15.53 -7.38
C SER C 229 5.36 -16.38 -7.42
N GLN C 230 5.34 -17.36 -8.29
CA GLN C 230 4.06 -18.12 -8.38
C GLN C 230 4.34 -19.36 -9.15
N THR C 231 3.46 -20.37 -8.99
CA THR C 231 3.68 -21.60 -9.77
C THR C 231 2.55 -21.81 -10.74
N VAL C 232 1.36 -21.41 -10.52
CA VAL C 232 0.37 -21.58 -11.69
C VAL C 232 -0.41 -20.32 -11.78
N ALA C 233 -1.00 -20.06 -12.95
CA ALA C 233 -1.73 -18.74 -13.00
C ALA C 233 -2.89 -18.79 -12.00
N LEU C 234 -3.20 -17.70 -11.37
CA LEU C 234 -4.39 -17.70 -10.48
C LEU C 234 -5.63 -17.65 -11.36
N THR C 235 -6.75 -17.99 -10.76
CA THR C 235 -8.09 -17.86 -11.42
C THR C 235 -9.08 -17.26 -10.45
N GLU C 236 -10.31 -17.04 -10.94
CA GLU C 236 -11.33 -16.34 -10.07
C GLU C 236 -11.93 -17.39 -9.14
N ILE D 29 5.13 13.58 -33.67
CA ILE D 29 3.97 13.42 -34.61
C ILE D 29 2.97 12.32 -34.30
N ASN D 30 1.74 12.66 -33.98
CA ASN D 30 0.82 11.52 -33.69
C ASN D 30 0.33 11.02 -35.02
N TYR D 31 0.36 9.75 -35.33
CA TYR D 31 -0.21 9.26 -36.61
C TYR D 31 -1.67 8.87 -36.52
N TYR D 32 -2.12 8.82 -35.29
CA TYR D 32 -3.45 8.31 -34.97
C TYR D 32 -4.31 9.36 -34.30
N LYS D 33 -5.62 9.17 -34.47
CA LYS D 33 -6.60 10.14 -34.05
C LYS D 33 -6.94 10.17 -32.59
N ASP D 34 -6.93 9.05 -31.92
CA ASP D 34 -7.38 8.94 -30.54
C ASP D 34 -6.29 9.17 -29.56
N ALA D 35 -6.57 9.67 -28.34
CA ALA D 35 -5.46 9.95 -27.42
C ALA D 35 -4.88 8.70 -26.81
N ALA D 36 -5.60 7.61 -26.84
CA ALA D 36 -5.11 6.42 -26.13
C ALA D 36 -3.98 5.88 -26.97
N SER D 37 -3.91 6.48 -28.17
CA SER D 37 -2.97 5.68 -29.05
C SER D 37 -1.62 6.25 -29.00
N THR D 38 -1.44 7.31 -28.25
CA THR D 38 -0.13 8.01 -28.15
C THR D 38 0.79 7.28 -27.20
N SER D 39 2.07 7.61 -27.28
CA SER D 39 3.05 6.84 -26.47
C SER D 39 2.97 7.36 -25.04
N SER D 40 3.87 6.77 -24.27
CA SER D 40 3.90 6.94 -22.79
C SER D 40 3.95 8.43 -22.47
N ALA D 41 3.50 8.76 -21.26
CA ALA D 41 3.40 10.13 -20.86
C ALA D 41 4.58 10.95 -20.55
N GLY D 42 5.81 10.76 -20.24
CA GLY D 42 6.59 12.15 -19.87
C GLY D 42 6.49 12.29 -18.36
N GLN D 43 7.62 12.80 -17.75
CA GLN D 43 7.77 12.70 -16.26
C GLN D 43 7.13 13.85 -15.49
N SER D 44 6.19 13.31 -14.63
CA SER D 44 5.40 14.13 -13.79
C SER D 44 6.23 15.37 -13.38
N LEU D 45 7.41 14.84 -12.96
CA LEU D 45 8.30 15.99 -12.43
C LEU D 45 7.37 16.83 -11.50
N SER D 46 6.45 15.95 -10.77
CA SER D 46 5.61 16.71 -9.80
C SER D 46 6.27 16.58 -8.43
N MET D 47 6.19 15.43 -7.79
CA MET D 47 6.94 15.20 -6.56
C MET D 47 6.70 16.08 -5.37
N ASP D 48 5.84 15.67 -4.45
CA ASP D 48 5.55 16.36 -3.22
C ASP D 48 5.12 15.38 -2.14
N PRO D 49 6.12 14.95 -1.41
CA PRO D 49 5.89 13.90 -0.41
C PRO D 49 5.13 14.45 0.75
N SER D 50 4.92 15.66 0.93
CA SER D 50 4.30 16.13 2.19
C SER D 50 2.93 15.56 2.33
N LYS D 51 2.16 15.23 1.36
CA LYS D 51 0.82 14.67 1.72
C LYS D 51 0.97 13.37 2.49
N PHE D 52 2.02 12.64 2.28
CA PHE D 52 2.36 11.37 2.92
C PHE D 52 3.27 11.57 4.10
N THR D 53 4.25 12.42 4.06
CA THR D 53 5.21 12.51 5.19
C THR D 53 4.86 13.49 6.27
N GLU D 54 4.03 14.45 6.06
CA GLU D 54 3.65 15.44 7.02
C GLU D 54 2.21 15.84 6.90
N PRO D 55 1.30 14.89 7.04
CA PRO D 55 -0.12 15.25 7.00
C PRO D 55 -0.57 15.76 8.34
N VAL D 56 0.22 16.53 9.10
CA VAL D 56 -0.29 16.99 10.42
C VAL D 56 -1.09 18.26 10.28
N LYS D 57 -2.02 18.50 11.15
CA LYS D 57 -2.93 19.62 11.09
C LYS D 57 -2.16 20.86 11.47
N ASP D 58 -1.46 20.98 12.54
CA ASP D 58 -0.67 22.13 12.90
C ASP D 58 0.80 21.75 12.49
N LEU D 59 1.32 22.62 11.67
CA LEU D 59 2.60 22.62 11.06
C LEU D 59 3.74 22.41 12.08
N MET D 60 4.61 21.54 11.71
CA MET D 60 5.74 21.23 12.62
C MET D 60 6.98 21.82 12.04
N LEU D 61 7.73 22.67 12.78
CA LEU D 61 9.04 23.12 12.22
C LEU D 61 10.23 22.38 12.70
N LYS D 62 11.03 21.91 11.80
CA LYS D 62 12.23 21.05 12.25
C LYS D 62 13.11 21.79 13.18
N GLY D 63 13.33 21.36 14.43
CA GLY D 63 14.31 22.25 15.21
C GLY D 63 13.51 22.83 16.34
N ALA D 64 12.28 23.15 16.05
CA ALA D 64 11.39 23.53 17.18
C ALA D 64 10.98 22.21 17.83
N PRO D 65 10.64 22.26 19.10
CA PRO D 65 10.16 21.10 19.84
C PRO D 65 8.93 20.48 19.15
N ALA D 66 8.89 19.19 19.12
CA ALA D 66 7.74 18.44 18.58
C ALA D 66 6.47 18.72 19.37
N LEU D 67 6.60 18.58 20.68
CA LEU D 67 5.37 18.80 21.53
C LEU D 67 5.74 19.92 22.50
N ASN D 68 4.98 20.93 22.46
CA ASN D 68 5.08 22.19 23.19
C ASN D 68 4.06 22.06 24.36
#